data_6PWI
#
_entry.id   6PWI
#
_cell.length_a   195.723
_cell.length_b   195.723
_cell.length_c   106.467
_cell.angle_alpha   90.000
_cell.angle_beta   90.000
_cell.angle_gamma   120.000
#
_symmetry.space_group_name_H-M   'P 65'
#
loop_
_entity.id
_entity.type
_entity.pdbx_description
1 polymer 'Putative hyaluronoglucosaminidase'
2 non-polymer 1,2-ETHANEDIOL
3 water water
#
_entity_poly.entity_id   1
_entity_poly.type   'polypeptide(L)'
_entity_poly.pdbx_seq_one_letter_code
;MGSSHHHHHHSSGLVPRGSHMASNGSKETKGDEYEIYPIPQSIKYDNSIVTLGTDANVVFEEGIDEATKNRLLEVLSIKG
INHEESNEIKEDKTNFLIGINNSEGVVDKYFTDNNLVNDSHFENHDAHVVSVKGNVIAVLGKNTDSAFYGITSLKAIFNQ
LEGNELKELLIEDYSDGQWRGFIEGYYGIPWSNENRKDLMKFGGDFKMNSYIFAPKDDQYHSLKWREPYPAEKLAEIKEM
VDVGIATKNKFIWTIHPFLKDGMNFGSEESYKADLEKIIAKFEQLYSVGVRQFGVLADDAEGEANNQVKLMEDLEKWRLQ
KGDVYEFIFVPKVYTKESAGGDVNNEYLKTIGTMPETIDIMWTGDVILGYVTQETFEFFEEAVGRQAFMWLNWPVNDINN
KRLLMGKGEMLDPTVTNFKGIVTNPMQEAQASKVALFAIADYGWNRADFDMDKSWKDSFKYIEPDASEELYTFAKHMSDP
APNWHGLSLEESEELRPVIEEFTRRLWEKESVLDYSKVILDEYQEILDATNNFATKSKNELLKSEIKGWVDSLRDLAEST
IAYINSAVAFEKGNYEEAMKYYVLGEEEYTASRSHRTPVINGQSRPEPGTRHLIPFIKDLSKIIGDN
;
_entity_poly.pdbx_strand_id   A,B
#
loop_
_chem_comp.id
_chem_comp.type
_chem_comp.name
_chem_comp.formula
EDO non-polymer 1,2-ETHANEDIOL 'C2 H6 O2'
#
# COMPACT_ATOMS: atom_id res chain seq x y z
N ASP A 32 -23.70 31.19 0.07
CA ASP A 32 -25.01 31.59 0.66
C ASP A 32 -25.72 30.37 1.25
N GLU A 33 -25.38 29.18 0.74
CA GLU A 33 -25.99 27.91 1.15
C GLU A 33 -25.36 27.41 2.45
N TYR A 34 -26.09 26.54 3.17
CA TYR A 34 -25.68 26.11 4.50
C TYR A 34 -24.56 25.07 4.44
N GLU A 35 -23.64 25.18 5.40
CA GLU A 35 -22.60 24.17 5.60
C GLU A 35 -23.16 23.07 6.50
N ILE A 36 -23.28 21.87 5.92
CA ILE A 36 -23.77 20.70 6.63
C ILE A 36 -22.75 19.58 6.52
N TYR A 37 -22.35 19.05 7.69
CA TYR A 37 -21.48 17.89 7.76
C TYR A 37 -22.19 16.79 8.55
N PRO A 38 -22.09 15.50 8.13
CA PRO A 38 -21.38 15.11 6.91
C PRO A 38 -22.07 15.69 5.68
N ILE A 39 -21.34 15.74 4.56
CA ILE A 39 -21.84 16.31 3.32
C ILE A 39 -23.03 15.49 2.86
N PRO A 40 -24.23 16.10 2.74
CA PRO A 40 -25.43 15.34 2.36
C PRO A 40 -25.23 14.79 0.96
N GLN A 41 -25.85 13.62 0.70
CA GLN A 41 -25.74 12.99 -0.59
C GLN A 41 -26.34 13.90 -1.66
N SER A 42 -27.39 14.65 -1.29
CA SER A 42 -28.07 15.54 -2.22
C SER A 42 -28.85 16.61 -1.46
N ILE A 43 -28.56 17.88 -1.78
CA ILE A 43 -29.30 19.01 -1.25
C ILE A 43 -29.67 19.95 -2.40
N LYS A 44 -30.92 20.42 -2.39
CA LYS A 44 -31.46 21.27 -3.43
C LYS A 44 -32.11 22.50 -2.79
N TYR A 45 -31.84 23.66 -3.39
CA TYR A 45 -32.41 24.92 -2.96
C TYR A 45 -33.32 25.46 -4.07
N ASP A 46 -34.34 26.23 -3.69
CA ASP A 46 -35.03 27.07 -4.66
C ASP A 46 -34.99 28.51 -4.17
N ASN A 47 -35.56 29.43 -4.97
CA ASN A 47 -35.39 30.85 -4.74
C ASN A 47 -36.02 31.29 -3.42
N SER A 48 -37.19 30.73 -3.09
CA SER A 48 -38.02 31.20 -1.99
C SER A 48 -37.36 31.00 -0.61
N ILE A 49 -37.66 31.90 0.33
CA ILE A 49 -37.24 31.78 1.71
C ILE A 49 -38.48 31.76 2.61
N VAL A 50 -38.30 31.33 3.85
CA VAL A 50 -39.39 31.13 4.80
C VAL A 50 -39.06 31.88 6.09
N THR A 51 -40.11 32.29 6.81
CA THR A 51 -39.91 32.93 8.10
C THR A 51 -40.36 31.97 9.21
N LEU A 52 -39.50 31.79 10.22
CA LEU A 52 -39.80 30.95 11.35
C LEU A 52 -40.61 31.77 12.36
N GLY A 53 -41.66 31.16 12.91
CA GLY A 53 -42.50 31.79 13.90
C GLY A 53 -41.97 31.57 15.31
N THR A 54 -42.50 32.32 16.27
CA THR A 54 -42.14 32.18 17.68
C THR A 54 -42.84 30.94 18.25
N ASP A 55 -44.03 30.64 17.72
CA ASP A 55 -44.83 29.51 18.17
C ASP A 55 -45.09 28.57 17.00
N ALA A 56 -44.73 27.30 17.20
CA ALA A 56 -44.79 26.29 16.14
C ALA A 56 -45.69 25.13 16.54
N ASN A 57 -46.27 24.50 15.51
CA ASN A 57 -47.02 23.27 15.62
C ASN A 57 -46.10 22.11 15.27
N VAL A 58 -46.11 21.07 16.12
CA VAL A 58 -45.25 19.91 16.00
C VAL A 58 -46.13 18.67 15.87
N VAL A 59 -45.88 17.88 14.81
CA VAL A 59 -46.60 16.65 14.56
C VAL A 59 -45.60 15.49 14.49
N PHE A 60 -45.68 14.58 15.46
CA PHE A 60 -44.89 13.37 15.42
C PHE A 60 -45.80 12.18 15.08
N GLU A 61 -45.37 11.37 14.11
CA GLU A 61 -46.03 10.10 13.86
C GLU A 61 -45.77 9.17 15.04
N GLU A 62 -46.53 8.08 15.10
CA GLU A 62 -46.52 7.13 16.22
C GLU A 62 -45.22 6.36 16.27
N GLY A 63 -44.51 6.24 15.14
CA GLY A 63 -43.28 5.47 15.05
C GLY A 63 -42.05 6.21 15.59
N ILE A 64 -42.19 7.51 15.87
CA ILE A 64 -41.09 8.36 16.31
C ILE A 64 -40.87 8.17 17.81
N ASP A 65 -39.64 7.85 18.23
CA ASP A 65 -39.35 7.48 19.61
C ASP A 65 -39.02 8.73 20.43
N GLU A 66 -38.83 8.54 21.75
CA GLU A 66 -38.67 9.66 22.66
C GLU A 66 -37.38 10.42 22.35
N ALA A 67 -36.30 9.69 22.05
CA ALA A 67 -35.01 10.29 21.75
C ALA A 67 -35.13 11.22 20.55
N THR A 68 -35.96 10.82 19.58
CA THR A 68 -36.15 11.55 18.34
C THR A 68 -37.02 12.79 18.58
N LYS A 69 -38.03 12.69 19.46
CA LYS A 69 -38.82 13.86 19.80
C LYS A 69 -37.93 14.90 20.49
N ASN A 70 -37.14 14.45 21.47
CA ASN A 70 -36.26 15.32 22.25
C ASN A 70 -35.27 16.05 21.35
N ARG A 71 -34.85 15.38 20.28
CA ARG A 71 -33.92 15.97 19.32
C ARG A 71 -34.56 17.16 18.61
N LEU A 72 -35.86 17.05 18.28
CA LEU A 72 -36.53 18.17 17.63
C LEU A 72 -36.67 19.33 18.61
N LEU A 73 -36.96 19.01 19.86
CA LEU A 73 -37.20 20.04 20.86
C LEU A 73 -35.92 20.82 21.16
N GLU A 74 -34.76 20.13 21.12
CA GLU A 74 -33.44 20.76 21.13
C GLU A 74 -33.34 21.76 19.98
N VAL A 75 -33.76 21.32 18.80
CA VAL A 75 -33.63 22.13 17.60
C VAL A 75 -34.51 23.38 17.72
N LEU A 76 -35.71 23.23 18.31
CA LEU A 76 -36.62 24.36 18.44
C LEU A 76 -36.06 25.42 19.38
N SER A 77 -35.43 24.96 20.49
CA SER A 77 -34.97 25.87 21.52
C SER A 77 -33.71 26.64 21.10
N ILE A 78 -33.04 26.19 20.03
CA ILE A 78 -31.90 26.92 19.48
C ILE A 78 -32.37 28.31 19.02
N LYS A 79 -33.61 28.40 18.54
CA LYS A 79 -34.19 29.65 18.07
C LYS A 79 -35.32 30.10 18.99
N GLY A 80 -35.33 29.61 20.23
CA GLY A 80 -36.33 29.97 21.21
C GLY A 80 -37.76 29.88 20.65
N ILE A 81 -38.04 28.83 19.87
CA ILE A 81 -39.36 28.55 19.35
C ILE A 81 -40.11 27.67 20.36
N ASN A 82 -41.21 28.21 20.91
CA ASN A 82 -42.15 27.43 21.70
C ASN A 82 -43.00 26.60 20.76
N HIS A 83 -43.55 25.51 21.28
CA HIS A 83 -44.30 24.57 20.45
C HIS A 83 -45.55 24.10 21.18
N GLU A 84 -46.55 23.70 20.38
CA GLU A 84 -47.62 22.84 20.86
C GLU A 84 -47.71 21.64 19.92
N GLU A 85 -48.03 20.47 20.48
CA GLU A 85 -48.12 19.24 19.71
C GLU A 85 -49.57 19.05 19.25
N SER A 86 -49.74 18.62 17.99
CA SER A 86 -51.04 18.34 17.42
C SER A 86 -50.95 17.20 16.40
N ASN A 87 -52.04 16.95 15.66
CA ASN A 87 -52.07 15.83 14.75
C ASN A 87 -52.32 16.29 13.31
N GLU A 88 -52.22 17.60 13.05
CA GLU A 88 -52.49 18.13 11.72
C GLU A 88 -51.64 19.37 11.45
N ILE A 89 -51.50 19.71 10.17
CA ILE A 89 -50.89 20.97 9.75
C ILE A 89 -51.81 22.12 10.15
N LYS A 90 -51.28 23.07 10.92
CA LYS A 90 -51.96 24.33 11.18
C LYS A 90 -51.52 25.37 10.14
N GLU A 91 -52.50 25.96 9.45
CA GLU A 91 -52.23 26.86 8.34
C GLU A 91 -51.66 28.19 8.83
N ASP A 92 -51.91 28.52 10.09
CA ASP A 92 -51.56 29.83 10.64
C ASP A 92 -50.14 29.85 11.23
N LYS A 93 -49.57 28.67 11.53
CA LYS A 93 -48.31 28.60 12.26
C LYS A 93 -47.22 27.98 11.39
N THR A 94 -45.99 27.94 11.93
CA THR A 94 -44.90 27.12 11.42
C THR A 94 -45.12 25.68 11.88
N ASN A 95 -44.87 24.72 10.97
CA ASN A 95 -45.14 23.31 11.21
C ASN A 95 -43.86 22.49 11.13
N PHE A 96 -43.64 21.62 12.13
CA PHE A 96 -42.61 20.60 12.08
C PHE A 96 -43.27 19.23 12.08
N LEU A 97 -43.14 18.49 10.98
CA LEU A 97 -43.69 17.14 10.91
C LEU A 97 -42.55 16.13 10.85
N ILE A 98 -42.55 15.15 11.76
CA ILE A 98 -41.57 14.09 11.76
C ILE A 98 -42.28 12.76 11.53
N GLY A 99 -41.83 12.00 10.52
CA GLY A 99 -42.53 10.79 10.15
C GLY A 99 -41.62 9.74 9.54
N ILE A 100 -42.18 8.54 9.33
CA ILE A 100 -41.46 7.42 8.77
C ILE A 100 -42.11 7.01 7.46
N ASN A 101 -41.27 6.72 6.46
CA ASN A 101 -41.70 6.35 5.13
C ASN A 101 -42.52 5.06 5.19
N ASN A 102 -43.64 5.06 4.45
CA ASN A 102 -44.57 3.93 4.30
C ASN A 102 -45.28 3.58 5.60
N SER A 103 -45.47 4.56 6.50
CA SER A 103 -46.20 4.33 7.74
C SER A 103 -47.70 4.54 7.53
N GLU A 104 -48.04 5.29 6.47
CA GLU A 104 -49.37 5.80 6.17
C GLU A 104 -49.88 6.65 7.32
N GLY A 105 -48.93 7.22 8.06
CA GLY A 105 -49.20 8.25 9.05
C GLY A 105 -49.34 9.62 8.39
N VAL A 106 -49.65 10.61 9.22
CA VAL A 106 -49.95 11.96 8.77
C VAL A 106 -48.79 12.49 7.92
N VAL A 107 -47.55 12.27 8.38
CA VAL A 107 -46.39 12.84 7.73
C VAL A 107 -46.07 12.07 6.46
N ASP A 108 -46.22 10.73 6.51
CA ASP A 108 -46.04 9.91 5.32
C ASP A 108 -47.02 10.39 4.25
N LYS A 109 -48.26 10.65 4.68
CA LYS A 109 -49.33 11.10 3.81
C LYS A 109 -48.96 12.43 3.17
N TYR A 110 -48.46 13.37 3.98
CA TYR A 110 -48.08 14.69 3.48
C TYR A 110 -47.06 14.55 2.34
N PHE A 111 -46.09 13.65 2.49
CA PHE A 111 -45.04 13.49 1.48
C PHE A 111 -45.62 12.87 0.22
N THR A 112 -46.47 11.85 0.38
CA THR A 112 -47.14 11.19 -0.73
C THR A 112 -48.02 12.18 -1.49
N ASP A 113 -48.89 12.89 -0.76
CA ASP A 113 -49.93 13.71 -1.33
C ASP A 113 -49.32 14.91 -2.06
N ASN A 114 -48.17 15.39 -1.57
CA ASN A 114 -47.51 16.56 -2.12
C ASN A 114 -46.43 16.16 -3.13
N ASN A 115 -46.17 14.85 -3.23
CA ASN A 115 -45.37 14.27 -4.30
C ASN A 115 -43.96 14.86 -4.30
N LEU A 116 -43.24 14.70 -3.17
CA LEU A 116 -41.96 15.37 -2.99
C LEU A 116 -40.78 14.47 -3.36
N VAL A 117 -40.92 13.15 -3.22
CA VAL A 117 -39.76 12.27 -3.32
C VAL A 117 -40.08 10.91 -3.93
N ASN A 118 -39.06 10.02 -3.93
CA ASN A 118 -39.04 8.70 -4.54
C ASN A 118 -38.80 7.63 -3.50
N ASP A 119 -39.61 6.56 -3.57
CA ASP A 119 -39.50 5.37 -2.73
C ASP A 119 -38.13 4.69 -2.96
N SER A 120 -37.53 4.95 -4.13
CA SER A 120 -36.26 4.39 -4.55
C SER A 120 -35.14 4.88 -3.64
N HIS A 121 -35.41 5.98 -2.95
CA HIS A 121 -34.46 6.61 -2.05
C HIS A 121 -34.22 5.71 -0.82
N PHE A 122 -35.28 5.07 -0.32
CA PHE A 122 -35.36 4.64 1.06
C PHE A 122 -34.72 3.28 1.32
N GLU A 123 -34.28 2.61 0.25
CA GLU A 123 -33.59 1.33 0.40
C GLU A 123 -32.18 1.54 0.96
N ASN A 124 -31.59 2.72 0.71
CA ASN A 124 -30.25 3.07 1.17
C ASN A 124 -30.17 3.08 2.70
N HIS A 125 -28.93 2.99 3.23
CA HIS A 125 -28.68 3.04 4.66
C HIS A 125 -29.07 4.40 5.23
N ASP A 126 -29.83 4.37 6.34
CA ASP A 126 -30.13 5.55 7.13
C ASP A 126 -30.84 6.62 6.29
N ALA A 127 -31.54 6.18 5.24
CA ALA A 127 -32.10 7.09 4.25
C ALA A 127 -33.17 7.97 4.88
N HIS A 128 -33.14 9.26 4.53
CA HIS A 128 -34.15 10.18 5.01
C HIS A 128 -34.21 11.41 4.10
N VAL A 129 -35.26 12.20 4.27
CA VAL A 129 -35.54 13.39 3.47
C VAL A 129 -35.85 14.54 4.42
N VAL A 130 -35.29 15.72 4.15
CA VAL A 130 -35.65 16.93 4.86
C VAL A 130 -36.26 17.90 3.85
N SER A 131 -37.46 18.40 4.15
CA SER A 131 -38.13 19.32 3.24
C SER A 131 -38.50 20.60 3.97
N VAL A 132 -38.08 21.73 3.38
CA VAL A 132 -38.47 23.05 3.84
C VAL A 132 -39.23 23.73 2.72
N LYS A 133 -40.55 23.89 2.93
CA LYS A 133 -41.47 24.39 1.92
C LYS A 133 -42.64 25.10 2.61
N GLY A 134 -42.73 26.41 2.37
CA GLY A 134 -43.75 27.25 2.98
C GLY A 134 -43.68 27.20 4.50
N ASN A 135 -44.80 26.88 5.13
CA ASN A 135 -44.88 26.82 6.58
C ASN A 135 -44.68 25.39 7.08
N VAL A 136 -44.20 24.50 6.19
CA VAL A 136 -43.96 23.11 6.56
C VAL A 136 -42.46 22.81 6.57
N ILE A 137 -41.96 22.40 7.74
CA ILE A 137 -40.63 21.79 7.82
C ILE A 137 -40.82 20.32 8.16
N ALA A 138 -40.47 19.43 7.23
CA ALA A 138 -40.79 18.03 7.36
C ALA A 138 -39.54 17.15 7.28
N VAL A 139 -39.59 16.01 7.98
CA VAL A 139 -38.58 14.98 7.88
C VAL A 139 -39.29 13.64 7.74
N LEU A 140 -38.91 12.88 6.71
CA LEU A 140 -39.37 11.51 6.55
C LEU A 140 -38.16 10.60 6.50
N GLY A 141 -38.07 9.68 7.48
CA GLY A 141 -36.97 8.73 7.50
C GLY A 141 -37.47 7.31 7.23
N LYS A 142 -36.55 6.39 6.88
CA LYS A 142 -36.93 5.00 6.67
C LYS A 142 -37.31 4.37 8.00
N ASN A 143 -36.80 4.95 9.10
CA ASN A 143 -37.14 4.55 10.44
C ASN A 143 -36.86 5.74 11.37
N THR A 144 -37.08 5.53 12.67
CA THR A 144 -36.94 6.59 13.66
C THR A 144 -35.49 7.09 13.73
N ASP A 145 -34.53 6.15 13.68
CA ASP A 145 -33.11 6.49 13.68
C ASP A 145 -32.79 7.47 12.56
N SER A 146 -33.31 7.19 11.35
CA SER A 146 -33.07 8.03 10.18
C SER A 146 -33.79 9.37 10.31
N ALA A 147 -34.96 9.38 10.95
CA ALA A 147 -35.65 10.64 11.19
C ALA A 147 -34.76 11.52 12.07
N PHE A 148 -34.17 10.90 13.10
CA PHE A 148 -33.22 11.53 14.00
C PHE A 148 -32.09 12.21 13.22
N TYR A 149 -31.44 11.47 12.31
CA TYR A 149 -30.39 12.05 11.47
C TYR A 149 -30.91 13.28 10.71
N GLY A 150 -32.13 13.17 10.16
CA GLY A 150 -32.77 14.29 9.48
C GLY A 150 -32.83 15.52 10.38
N ILE A 151 -33.25 15.31 11.63
CA ILE A 151 -33.42 16.40 12.58
C ILE A 151 -32.05 16.97 12.97
N THR A 152 -31.01 16.12 12.96
CA THR A 152 -29.65 16.56 13.24
C THR A 152 -29.19 17.50 12.13
N SER A 153 -29.56 17.21 10.88
CA SER A 153 -29.25 18.13 9.80
C SER A 153 -29.92 19.48 10.05
N LEU A 154 -31.17 19.46 10.55
CA LEU A 154 -31.86 20.70 10.89
C LEU A 154 -31.12 21.44 12.00
N LYS A 155 -30.53 20.68 12.93
CA LYS A 155 -29.79 21.25 14.05
C LYS A 155 -28.58 22.01 13.50
N ALA A 156 -27.91 21.41 12.52
CA ALA A 156 -26.78 22.05 11.87
C ALA A 156 -27.24 23.32 11.18
N ILE A 157 -28.43 23.27 10.54
CA ILE A 157 -28.92 24.42 9.80
C ILE A 157 -29.25 25.55 10.76
N PHE A 158 -29.94 25.20 11.86
CA PHE A 158 -30.47 26.20 12.79
C PHE A 158 -29.34 26.92 13.52
N ASN A 159 -28.22 26.22 13.72
CA ASN A 159 -27.08 26.76 14.45
C ASN A 159 -26.37 27.86 13.66
N GLN A 160 -26.69 27.99 12.37
CA GLN A 160 -25.99 28.95 11.52
C GLN A 160 -26.95 29.99 10.93
N LEU A 161 -28.21 29.99 11.40
CA LEU A 161 -29.19 30.96 10.92
C LEU A 161 -28.94 32.31 11.56
N GLU A 162 -28.77 33.34 10.72
CA GLU A 162 -28.48 34.70 11.15
C GLU A 162 -29.64 35.23 11.99
N GLY A 163 -30.86 35.10 11.45
CA GLY A 163 -32.07 35.58 12.13
C GLY A 163 -33.16 34.52 12.11
N ASN A 164 -34.33 34.88 11.59
CA ASN A 164 -35.44 33.96 11.57
C ASN A 164 -35.86 33.65 10.13
N GLU A 165 -34.91 33.79 9.19
CA GLU A 165 -35.15 33.49 7.79
C GLU A 165 -34.43 32.19 7.42
N LEU A 166 -35.13 31.33 6.66
CA LEU A 166 -34.69 29.99 6.35
C LEU A 166 -34.98 29.69 4.88
N LYS A 167 -33.99 29.19 4.15
CA LYS A 167 -34.11 28.91 2.73
C LYS A 167 -34.94 27.65 2.52
N GLU A 168 -35.84 27.68 1.55
CA GLU A 168 -36.59 26.50 1.15
C GLU A 168 -35.62 25.52 0.51
N LEU A 169 -35.63 24.27 0.99
CA LEU A 169 -34.67 23.28 0.50
C LEU A 169 -35.25 21.88 0.56
N LEU A 170 -34.58 20.94 -0.12
CA LEU A 170 -34.90 19.53 -0.05
C LEU A 170 -33.60 18.71 0.03
N ILE A 171 -33.39 18.08 1.18
CA ILE A 171 -32.27 17.18 1.38
C ILE A 171 -32.76 15.76 1.12
N GLU A 172 -32.06 15.04 0.24
CA GLU A 172 -32.30 13.62 0.06
C GLU A 172 -31.03 12.87 0.47
N ASP A 173 -31.00 12.36 1.71
CA ASP A 173 -29.75 11.95 2.32
C ASP A 173 -29.76 10.46 2.66
N TYR A 174 -28.57 9.88 2.70
CA TYR A 174 -28.37 8.52 3.15
C TYR A 174 -26.88 8.29 3.46
N SER A 175 -26.58 7.15 4.08
CA SER A 175 -25.22 6.83 4.46
C SER A 175 -24.66 5.77 3.53
N ASP A 176 -23.39 5.95 3.14
CA ASP A 176 -22.67 4.95 2.38
C ASP A 176 -22.35 3.77 3.28
N GLY A 177 -22.01 4.05 4.55
CA GLY A 177 -21.64 3.01 5.49
C GLY A 177 -22.77 2.66 6.45
N GLN A 178 -22.87 1.37 6.79
CA GLN A 178 -23.78 0.86 7.80
C GLN A 178 -23.38 1.38 9.19
N TRP A 179 -22.08 1.30 9.53
CA TRP A 179 -21.60 1.69 10.84
C TRP A 179 -20.60 2.85 10.74
N ARG A 180 -20.78 3.84 11.61
CA ARG A 180 -19.92 5.01 11.72
C ARG A 180 -19.72 5.34 13.19
N GLY A 181 -18.46 5.32 13.64
CA GLY A 181 -18.19 5.74 15.01
C GLY A 181 -16.75 5.49 15.44
N PHE A 182 -16.59 5.21 16.73
CA PHE A 182 -15.30 5.14 17.37
C PHE A 182 -15.33 4.02 18.40
N ILE A 183 -14.14 3.43 18.62
CA ILE A 183 -13.95 2.34 19.55
C ILE A 183 -12.86 2.74 20.54
N GLU A 184 -13.13 2.58 21.82
CA GLU A 184 -12.12 2.73 22.84
C GLU A 184 -11.31 1.42 22.91
N GLY A 185 -10.28 1.30 22.07
CA GLY A 185 -9.60 0.02 21.93
C GLY A 185 -8.08 0.13 21.83
N TYR A 186 -7.51 1.16 22.49
CA TYR A 186 -6.08 1.38 22.49
C TYR A 186 -5.48 0.88 23.81
N TYR A 187 -4.14 0.82 23.89
CA TYR A 187 -3.41 0.60 25.13
C TYR A 187 -3.06 1.95 25.74
N GLY A 188 -3.55 2.20 26.96
CA GLY A 188 -3.35 3.50 27.58
C GLY A 188 -4.34 3.74 28.71
N ILE A 189 -4.40 5.01 29.14
CA ILE A 189 -5.30 5.43 30.19
C ILE A 189 -6.71 5.50 29.61
N PRO A 190 -7.70 4.84 30.25
CA PRO A 190 -9.07 4.83 29.72
C PRO A 190 -9.66 6.24 29.78
N TRP A 191 -10.62 6.52 28.89
CA TRP A 191 -11.33 7.78 28.96
C TRP A 191 -12.14 7.82 30.24
N SER A 192 -12.30 9.03 30.80
CA SER A 192 -13.24 9.24 31.89
C SER A 192 -14.67 9.10 31.36
N ASN A 193 -15.61 8.82 32.28
CA ASN A 193 -17.02 8.74 31.93
C ASN A 193 -17.50 10.08 31.36
N GLU A 194 -17.07 11.20 31.95
CA GLU A 194 -17.38 12.52 31.44
C GLU A 194 -17.05 12.59 29.94
N ASN A 195 -15.85 12.10 29.55
CA ASN A 195 -15.35 12.23 28.20
C ASN A 195 -16.05 11.26 27.25
N ARG A 196 -16.34 10.04 27.72
CA ARG A 196 -17.07 9.08 26.90
C ARG A 196 -18.44 9.67 26.50
N LYS A 197 -19.11 10.32 27.45
CA LYS A 197 -20.40 10.92 27.18
C LYS A 197 -20.25 12.05 26.17
N ASP A 198 -19.16 12.82 26.31
CA ASP A 198 -18.93 13.99 25.49
C ASP A 198 -18.63 13.61 24.04
N LEU A 199 -17.92 12.48 23.85
CA LEU A 199 -17.60 12.00 22.51
C LEU A 199 -18.88 11.47 21.86
N MET A 200 -19.70 10.76 22.63
CA MET A 200 -20.98 10.29 22.12
C MET A 200 -21.83 11.48 21.69
N LYS A 201 -21.79 12.55 22.49
CA LYS A 201 -22.54 13.76 22.19
C LYS A 201 -22.02 14.38 20.90
N PHE A 202 -20.69 14.27 20.68
CA PHE A 202 -20.06 14.87 19.52
C PHE A 202 -20.40 14.06 18.26
N GLY A 203 -20.15 12.75 18.32
CA GLY A 203 -20.47 11.84 17.22
C GLY A 203 -21.92 11.98 16.77
N GLY A 204 -22.82 12.23 17.73
CA GLY A 204 -24.25 12.30 17.49
C GLY A 204 -24.62 13.53 16.65
N ASP A 205 -23.82 14.59 16.79
CA ASP A 205 -23.98 15.80 16.01
C ASP A 205 -23.56 15.57 14.55
N PHE A 206 -22.85 14.46 14.27
CA PHE A 206 -22.39 14.19 12.90
C PHE A 206 -22.86 12.83 12.42
N LYS A 207 -23.95 12.32 13.02
CA LYS A 207 -24.70 11.18 12.52
C LYS A 207 -23.94 9.86 12.73
N MET A 208 -23.02 9.85 13.70
CA MET A 208 -22.37 8.61 14.10
C MET A 208 -23.39 7.74 14.85
N ASN A 209 -23.22 6.42 14.79
CA ASN A 209 -24.20 5.52 15.36
C ASN A 209 -23.57 4.50 16.32
N SER A 210 -22.25 4.61 16.57
CA SER A 210 -21.53 3.54 17.23
C SER A 210 -20.47 4.09 18.18
N TYR A 211 -20.55 3.69 19.45
CA TYR A 211 -19.42 3.78 20.35
C TYR A 211 -19.14 2.37 20.87
N ILE A 212 -18.05 1.77 20.39
CA ILE A 212 -17.72 0.42 20.85
C ILE A 212 -16.84 0.54 22.09
N PHE A 213 -17.40 0.05 23.20
CA PHE A 213 -16.79 0.07 24.51
C PHE A 213 -15.93 -1.17 24.70
N ALA A 214 -14.62 -1.03 24.51
CA ALA A 214 -13.69 -2.14 24.64
C ALA A 214 -12.45 -1.76 25.47
N PRO A 215 -12.59 -1.04 26.60
CA PRO A 215 -11.42 -0.59 27.36
C PRO A 215 -10.72 -1.78 28.00
N LYS A 216 -9.38 -1.79 27.92
CA LYS A 216 -8.60 -3.00 28.18
C LYS A 216 -8.50 -3.29 29.67
N ASP A 217 -8.87 -2.33 30.52
CA ASP A 217 -8.67 -2.42 31.95
C ASP A 217 -9.92 -2.94 32.65
N ASP A 218 -11.02 -3.10 31.89
CA ASP A 218 -12.27 -3.52 32.50
C ASP A 218 -12.26 -5.03 32.67
N GLN A 219 -12.10 -5.46 33.92
CA GLN A 219 -12.00 -6.87 34.26
C GLN A 219 -13.28 -7.62 33.90
N TYR A 220 -14.39 -6.90 33.71
CA TYR A 220 -15.69 -7.57 33.65
C TYR A 220 -16.13 -7.86 32.23
N HIS A 221 -15.41 -7.35 31.24
CA HIS A 221 -15.72 -7.62 29.85
C HIS A 221 -14.74 -8.68 29.33
N SER A 222 -13.87 -9.15 30.23
CA SER A 222 -12.72 -9.96 29.86
C SER A 222 -12.08 -10.50 31.13
N LEU A 223 -11.82 -11.81 31.19
CA LEU A 223 -11.19 -12.45 32.34
C LEU A 223 -12.22 -12.74 33.43
N LYS A 224 -12.90 -11.71 33.92
CA LYS A 224 -13.98 -11.88 34.88
C LYS A 224 -15.31 -11.70 34.15
N TRP A 225 -15.37 -12.13 32.89
CA TRP A 225 -16.58 -11.92 32.09
C TRP A 225 -17.77 -12.69 32.65
N ARG A 226 -17.48 -13.75 33.42
CA ARG A 226 -18.53 -14.59 33.97
C ARG A 226 -19.29 -13.83 35.07
N GLU A 227 -18.54 -13.05 35.85
CA GLU A 227 -19.08 -12.38 37.03
C GLU A 227 -19.87 -11.15 36.63
N PRO A 228 -21.09 -10.93 37.17
CA PRO A 228 -21.82 -9.69 36.93
C PRO A 228 -20.99 -8.46 37.32
N TYR A 229 -21.22 -7.35 36.64
CA TYR A 229 -20.65 -6.06 37.00
C TYR A 229 -21.13 -5.70 38.41
N PRO A 230 -20.26 -5.18 39.30
CA PRO A 230 -20.72 -4.53 40.54
C PRO A 230 -21.78 -3.47 40.24
N ALA A 231 -22.69 -3.28 41.20
CA ALA A 231 -23.82 -2.37 41.05
C ALA A 231 -23.36 -0.94 40.74
N GLU A 232 -22.33 -0.43 41.42
CA GLU A 232 -21.87 0.94 41.18
C GLU A 232 -21.39 1.05 39.73
N LYS A 233 -20.66 0.02 39.25
CA LYS A 233 -20.08 0.04 37.92
C LYS A 233 -21.18 -0.05 36.86
N LEU A 234 -22.18 -0.91 37.10
CA LEU A 234 -23.31 -1.05 36.20
C LEU A 234 -24.09 0.26 36.09
N ALA A 235 -24.20 0.99 37.19
CA ALA A 235 -24.98 2.22 37.21
C ALA A 235 -24.26 3.30 36.41
N GLU A 236 -22.92 3.21 36.38
CA GLU A 236 -22.10 4.13 35.60
C GLU A 236 -22.29 3.83 34.13
N ILE A 237 -22.33 2.54 33.77
CA ILE A 237 -22.57 2.11 32.42
C ILE A 237 -23.93 2.61 31.95
N LYS A 238 -24.96 2.47 32.81
CA LYS A 238 -26.31 2.86 32.44
C LYS A 238 -26.38 4.36 32.11
N GLU A 239 -25.59 5.19 32.81
CA GLU A 239 -25.57 6.61 32.51
C GLU A 239 -25.01 6.84 31.11
N MET A 240 -23.99 6.07 30.72
CA MET A 240 -23.37 6.21 29.41
C MET A 240 -24.31 5.70 28.32
N VAL A 241 -25.02 4.59 28.62
CA VAL A 241 -25.96 4.00 27.68
C VAL A 241 -27.10 4.98 27.40
N ASP A 242 -27.51 5.73 28.44
CA ASP A 242 -28.58 6.69 28.28
C ASP A 242 -28.13 7.83 27.36
N VAL A 243 -26.87 8.26 27.50
CA VAL A 243 -26.34 9.29 26.61
C VAL A 243 -26.34 8.75 25.18
N GLY A 244 -25.95 7.48 25.04
CA GLY A 244 -26.03 6.77 23.77
C GLY A 244 -27.43 6.79 23.16
N ILE A 245 -28.45 6.59 24.00
CA ILE A 245 -29.82 6.56 23.52
C ILE A 245 -30.24 7.95 23.07
N ALA A 246 -29.84 8.98 23.82
CA ALA A 246 -30.26 10.35 23.55
C ALA A 246 -29.60 10.89 22.27
N THR A 247 -28.37 10.44 22.00
CA THR A 247 -27.56 10.98 20.91
C THR A 247 -27.62 10.05 19.70
N LYS A 248 -28.01 8.79 19.95
CA LYS A 248 -28.15 7.72 18.98
C LYS A 248 -26.78 7.25 18.48
N ASN A 249 -25.74 7.76 19.13
CA ASN A 249 -24.40 7.22 19.05
C ASN A 249 -24.33 6.08 20.08
N LYS A 250 -24.88 4.91 19.72
CA LYS A 250 -25.20 3.87 20.69
C LYS A 250 -23.95 3.38 21.41
N PHE A 251 -24.13 3.02 22.68
CA PHE A 251 -23.16 2.30 23.48
C PHE A 251 -23.19 0.82 23.09
N ILE A 252 -22.10 0.33 22.49
CA ILE A 252 -21.98 -1.08 22.15
C ILE A 252 -21.01 -1.77 23.11
N TRP A 253 -21.52 -2.76 23.84
CA TRP A 253 -20.72 -3.42 24.85
C TRP A 253 -20.01 -4.61 24.19
N THR A 254 -18.81 -4.97 24.69
CA THR A 254 -18.02 -6.03 24.08
C THR A 254 -17.51 -7.01 25.13
N ILE A 255 -17.09 -8.20 24.68
CA ILE A 255 -16.63 -9.27 25.55
C ILE A 255 -15.48 -10.04 24.89
N HIS A 256 -14.52 -10.51 25.70
CA HIS A 256 -13.46 -11.42 25.27
C HIS A 256 -13.66 -12.79 25.90
N PRO A 257 -14.50 -13.69 25.34
CA PRO A 257 -14.74 -15.00 25.95
C PRO A 257 -13.85 -16.17 25.55
N PHE A 258 -12.74 -15.92 24.84
CA PHE A 258 -11.97 -17.04 24.32
C PHE A 258 -10.54 -17.01 24.88
N LEU A 259 -10.37 -16.42 26.06
CA LEU A 259 -9.06 -16.46 26.69
C LEU A 259 -8.80 -17.86 27.25
N LYS A 260 -7.66 -18.03 27.96
CA LYS A 260 -7.23 -19.29 28.55
C LYS A 260 -8.32 -19.84 29.48
N ASP A 261 -8.82 -18.98 30.39
CA ASP A 261 -9.84 -19.40 31.35
C ASP A 261 -11.24 -19.24 30.74
N GLY A 262 -11.29 -19.00 29.44
CA GLY A 262 -12.53 -18.62 28.77
C GLY A 262 -13.48 -19.81 28.53
N MET A 263 -14.53 -19.53 27.76
CA MET A 263 -15.52 -20.48 27.29
C MET A 263 -14.92 -21.88 27.19
N ASN A 264 -15.53 -22.81 27.92
CA ASN A 264 -15.06 -24.19 28.03
C ASN A 264 -15.83 -25.07 27.04
N PHE A 265 -15.10 -25.59 26.04
CA PHE A 265 -15.68 -26.40 24.99
C PHE A 265 -15.33 -27.88 25.20
N GLY A 266 -14.98 -28.23 26.45
CA GLY A 266 -14.63 -29.58 26.84
C GLY A 266 -15.74 -30.58 26.50
N SER A 267 -16.99 -30.23 26.87
CA SER A 267 -18.11 -31.13 26.71
C SER A 267 -19.41 -30.35 26.52
N GLU A 268 -20.46 -31.05 26.08
CA GLU A 268 -21.79 -30.48 25.91
C GLU A 268 -22.24 -29.87 27.23
N GLU A 269 -21.94 -30.56 28.35
CA GLU A 269 -22.30 -30.13 29.69
C GLU A 269 -21.61 -28.82 30.03
N SER A 270 -20.27 -28.78 29.90
CA SER A 270 -19.45 -27.64 30.34
C SER A 270 -19.72 -26.40 29.49
N TYR A 271 -19.97 -26.61 28.19
CA TYR A 271 -20.29 -25.53 27.28
C TYR A 271 -21.65 -24.93 27.64
N LYS A 272 -22.64 -25.78 27.95
CA LYS A 272 -23.96 -25.32 28.31
C LYS A 272 -23.88 -24.45 29.57
N ALA A 273 -22.97 -24.82 30.49
CA ALA A 273 -22.80 -24.09 31.74
C ALA A 273 -22.25 -22.70 31.44
N ASP A 274 -21.31 -22.63 30.48
CA ASP A 274 -20.64 -21.39 30.12
C ASP A 274 -21.54 -20.52 29.24
N LEU A 275 -22.40 -21.15 28.43
CA LEU A 275 -23.32 -20.39 27.59
C LEU A 275 -24.36 -19.68 28.46
N GLU A 276 -24.67 -20.29 29.61
CA GLU A 276 -25.63 -19.73 30.56
C GLU A 276 -25.11 -18.42 31.12
N LYS A 277 -23.79 -18.39 31.38
CA LYS A 277 -23.15 -17.25 32.02
C LYS A 277 -23.01 -16.10 31.05
N ILE A 278 -22.55 -16.38 29.82
CA ILE A 278 -22.39 -15.32 28.83
C ILE A 278 -23.73 -14.64 28.59
N ILE A 279 -24.79 -15.46 28.46
CA ILE A 279 -26.12 -14.94 28.20
C ILE A 279 -26.59 -14.14 29.43
N ALA A 280 -26.24 -14.60 30.63
CA ALA A 280 -26.60 -13.88 31.83
C ALA A 280 -25.95 -12.49 31.79
N LYS A 281 -24.66 -12.47 31.46
CA LYS A 281 -23.90 -11.24 31.40
C LYS A 281 -24.52 -10.30 30.37
N PHE A 282 -24.92 -10.84 29.21
CA PHE A 282 -25.53 -10.04 28.17
C PHE A 282 -26.85 -9.47 28.68
N GLU A 283 -27.60 -10.28 29.44
CA GLU A 283 -28.87 -9.88 30.02
C GLU A 283 -28.66 -8.72 30.98
N GLN A 284 -27.55 -8.74 31.74
CA GLN A 284 -27.25 -7.69 32.69
C GLN A 284 -27.06 -6.37 31.96
N LEU A 285 -26.28 -6.38 30.87
CA LEU A 285 -26.08 -5.17 30.08
C LEU A 285 -27.39 -4.77 29.41
N TYR A 286 -28.16 -5.77 28.93
CA TYR A 286 -29.43 -5.54 28.26
C TYR A 286 -30.38 -4.78 29.19
N SER A 287 -30.28 -5.09 30.48
CA SER A 287 -31.18 -4.56 31.50
C SER A 287 -30.91 -3.09 31.78
N VAL A 288 -29.74 -2.58 31.37
CA VAL A 288 -29.50 -1.15 31.52
C VAL A 288 -29.58 -0.43 30.17
N GLY A 289 -29.97 -1.14 29.10
CA GLY A 289 -30.35 -0.49 27.85
C GLY A 289 -29.44 -0.78 26.66
N VAL A 290 -28.37 -1.55 26.87
CA VAL A 290 -27.49 -1.96 25.77
C VAL A 290 -28.27 -2.80 24.78
N ARG A 291 -28.14 -2.47 23.48
CA ARG A 291 -28.94 -3.11 22.44
C ARG A 291 -28.06 -3.57 21.27
N GLN A 292 -26.74 -3.57 21.47
CA GLN A 292 -25.79 -4.06 20.48
C GLN A 292 -24.51 -4.52 21.18
N PHE A 293 -23.93 -5.61 20.69
CA PHE A 293 -22.83 -6.28 21.37
C PHE A 293 -21.72 -6.63 20.39
N GLY A 294 -20.48 -6.63 20.89
CA GLY A 294 -19.31 -7.09 20.15
C GLY A 294 -18.66 -8.28 20.84
N VAL A 295 -18.14 -9.22 20.05
CA VAL A 295 -17.40 -10.37 20.56
C VAL A 295 -15.98 -10.28 19.99
N LEU A 296 -14.99 -10.24 20.88
CA LEU A 296 -13.63 -9.97 20.45
C LEU A 296 -12.78 -11.23 20.59
N ALA A 297 -12.14 -11.63 19.48
CA ALA A 297 -11.40 -12.87 19.42
C ALA A 297 -9.95 -12.64 19.02
N ASP A 298 -9.50 -11.37 19.07
CA ASP A 298 -8.14 -11.02 18.69
C ASP A 298 -7.13 -11.77 19.57
N ASP A 299 -7.57 -12.20 20.76
CA ASP A 299 -6.70 -12.87 21.69
C ASP A 299 -7.22 -14.28 22.02
N ALA A 300 -7.91 -14.90 21.04
CA ALA A 300 -8.61 -16.15 21.26
C ALA A 300 -7.65 -17.33 21.24
N GLU A 301 -7.99 -18.40 21.98
CA GLU A 301 -7.07 -19.51 22.23
C GLU A 301 -7.45 -20.74 21.41
N GLY A 302 -8.72 -21.18 21.49
CA GLY A 302 -9.13 -22.46 20.92
C GLY A 302 -9.22 -22.48 19.39
N GLU A 303 -9.98 -23.46 18.88
CA GLU A 303 -10.21 -23.62 17.46
C GLU A 303 -11.24 -22.60 16.98
N ALA A 304 -11.19 -22.26 15.69
CA ALA A 304 -12.11 -21.32 15.06
C ALA A 304 -13.54 -21.85 15.06
N ASN A 305 -13.67 -23.18 14.99
CA ASN A 305 -14.96 -23.85 14.96
C ASN A 305 -15.77 -23.47 16.19
N ASN A 306 -15.10 -23.40 17.33
CA ASN A 306 -15.73 -23.10 18.60
C ASN A 306 -16.30 -21.68 18.57
N GLN A 307 -15.52 -20.75 18.01
CA GLN A 307 -15.90 -19.35 17.91
C GLN A 307 -17.22 -19.24 17.13
N VAL A 308 -17.35 -20.04 16.07
CA VAL A 308 -18.56 -20.08 15.26
C VAL A 308 -19.71 -20.64 16.10
N LYS A 309 -19.47 -21.77 16.78
CA LYS A 309 -20.45 -22.40 17.64
C LYS A 309 -21.09 -21.35 18.54
N LEU A 310 -20.26 -20.58 19.26
CA LEU A 310 -20.77 -19.59 20.20
C LEU A 310 -21.65 -18.57 19.48
N MET A 311 -21.18 -18.06 18.34
CA MET A 311 -21.85 -16.98 17.64
C MET A 311 -23.21 -17.46 17.13
N GLU A 312 -23.30 -18.76 16.83
CA GLU A 312 -24.55 -19.37 16.38
C GLU A 312 -25.56 -19.34 17.52
N ASP A 313 -25.07 -19.61 18.74
CA ASP A 313 -25.91 -19.65 19.94
C ASP A 313 -26.29 -18.24 20.38
N LEU A 314 -25.40 -17.26 20.18
CA LEU A 314 -25.67 -15.89 20.56
C LEU A 314 -26.66 -15.27 19.58
N GLU A 315 -26.63 -15.73 18.32
CA GLU A 315 -27.53 -15.20 17.31
C GLU A 315 -28.98 -15.61 17.62
N LYS A 316 -29.15 -16.85 18.12
CA LYS A 316 -30.47 -17.34 18.51
C LYS A 316 -31.05 -16.44 19.59
N TRP A 317 -30.24 -16.13 20.61
CA TRP A 317 -30.59 -15.22 21.69
C TRP A 317 -31.00 -13.85 21.14
N ARG A 318 -30.20 -13.35 20.20
CA ARG A 318 -30.37 -12.00 19.70
C ARG A 318 -31.73 -11.85 19.00
N LEU A 319 -32.14 -12.92 18.30
CA LEU A 319 -33.40 -12.90 17.56
C LEU A 319 -34.58 -13.03 18.52
N GLN A 320 -34.40 -13.74 19.63
CA GLN A 320 -35.42 -13.86 20.66
C GLN A 320 -35.75 -12.48 21.25
N LYS A 321 -34.72 -11.65 21.44
CA LYS A 321 -34.88 -10.37 22.11
C LYS A 321 -35.63 -9.38 21.21
N GLY A 322 -35.46 -9.53 19.89
CA GLY A 322 -36.25 -8.76 18.93
C GLY A 322 -35.73 -7.35 18.63
N ASP A 323 -35.07 -6.71 19.60
CA ASP A 323 -34.67 -5.31 19.41
C ASP A 323 -33.17 -5.13 19.57
N VAL A 324 -32.39 -6.20 19.37
CA VAL A 324 -30.94 -6.12 19.46
C VAL A 324 -30.35 -6.10 18.06
N TYR A 325 -29.61 -5.03 17.74
CA TYR A 325 -28.93 -4.89 16.47
C TYR A 325 -27.90 -6.01 16.33
N GLU A 326 -27.33 -6.15 15.13
CA GLU A 326 -26.52 -7.31 14.80
C GLU A 326 -25.16 -7.22 15.51
N PHE A 327 -24.59 -8.40 15.77
CA PHE A 327 -23.32 -8.54 16.48
C PHE A 327 -22.17 -8.07 15.61
N ILE A 328 -21.13 -7.56 16.30
CA ILE A 328 -19.85 -7.22 15.73
C ILE A 328 -18.88 -8.30 16.22
N PHE A 329 -18.00 -8.77 15.32
CA PHE A 329 -17.03 -9.79 15.67
C PHE A 329 -15.64 -9.35 15.20
N VAL A 330 -14.66 -9.41 16.12
CA VAL A 330 -13.29 -9.05 15.78
C VAL A 330 -12.49 -10.35 15.71
N PRO A 331 -11.97 -10.75 14.53
CA PRO A 331 -11.38 -12.08 14.37
C PRO A 331 -9.97 -12.12 14.94
N LYS A 332 -9.43 -13.33 15.15
CA LYS A 332 -8.08 -13.50 15.62
C LYS A 332 -7.10 -13.02 14.55
N VAL A 333 -7.43 -13.32 13.29
CA VAL A 333 -6.69 -12.88 12.12
C VAL A 333 -7.43 -11.67 11.56
N TYR A 334 -6.89 -10.46 11.80
CA TYR A 334 -7.61 -9.24 11.46
C TYR A 334 -6.79 -8.36 10.52
N THR A 335 -5.71 -8.91 9.95
CA THR A 335 -4.95 -8.23 8.93
C THR A 335 -4.53 -9.24 7.87
N LYS A 336 -4.25 -8.71 6.66
CA LYS A 336 -3.88 -9.55 5.54
C LYS A 336 -2.53 -10.20 5.83
N GLU A 337 -1.65 -9.45 6.51
CA GLU A 337 -0.33 -9.94 6.89
C GLU A 337 -0.44 -11.18 7.77
N SER A 338 -1.30 -11.15 8.78
CA SER A 338 -1.39 -12.27 9.71
C SER A 338 -2.23 -13.40 9.11
N ALA A 339 -2.88 -13.10 7.97
CA ALA A 339 -3.61 -14.11 7.23
C ALA A 339 -2.64 -14.83 6.30
N GLY A 340 -1.38 -14.39 6.30
CA GLY A 340 -0.34 -14.94 5.45
C GLY A 340 -0.54 -14.56 3.97
N GLY A 341 -1.44 -13.61 3.72
CA GLY A 341 -1.86 -13.22 2.38
C GLY A 341 -2.59 -14.36 1.65
N ASP A 342 -3.15 -15.29 2.43
CA ASP A 342 -3.75 -16.50 1.90
C ASP A 342 -5.25 -16.29 1.78
N VAL A 343 -5.78 -16.28 0.54
CA VAL A 343 -7.21 -16.14 0.32
C VAL A 343 -7.93 -17.46 0.62
N ASN A 344 -7.17 -18.48 1.04
CA ASN A 344 -7.73 -19.77 1.40
C ASN A 344 -7.39 -20.05 2.85
N ASN A 345 -7.05 -18.99 3.59
CA ASN A 345 -6.72 -19.07 5.00
C ASN A 345 -7.83 -19.80 5.75
N GLU A 346 -7.47 -20.86 6.49
CA GLU A 346 -8.42 -21.77 7.12
C GLU A 346 -9.28 -21.02 8.14
N TYR A 347 -8.60 -20.23 8.99
CA TYR A 347 -9.29 -19.50 10.04
C TYR A 347 -10.39 -18.62 9.44
N LEU A 348 -10.03 -17.82 8.43
CA LEU A 348 -10.96 -16.83 7.88
C LEU A 348 -12.12 -17.55 7.17
N LYS A 349 -11.83 -18.67 6.51
CA LYS A 349 -12.83 -19.46 5.82
C LYS A 349 -13.86 -19.96 6.83
N THR A 350 -13.39 -20.39 8.01
CA THR A 350 -14.28 -20.92 9.03
C THR A 350 -15.14 -19.81 9.63
N ILE A 351 -14.49 -18.71 10.02
CA ILE A 351 -15.11 -17.53 10.59
C ILE A 351 -16.23 -17.05 9.67
N GLY A 352 -16.03 -17.19 8.36
CA GLY A 352 -17.00 -16.76 7.37
C GLY A 352 -18.25 -17.64 7.32
N THR A 353 -18.23 -18.77 8.03
CA THR A 353 -19.41 -19.64 8.07
C THR A 353 -20.32 -19.30 9.23
N MET A 354 -19.95 -18.30 10.06
CA MET A 354 -20.84 -17.86 11.12
C MET A 354 -22.01 -17.08 10.51
N PRO A 355 -23.14 -16.89 11.23
CA PRO A 355 -24.35 -16.29 10.66
C PRO A 355 -24.05 -15.02 9.86
N GLU A 356 -24.75 -14.87 8.73
CA GLU A 356 -24.55 -13.85 7.72
C GLU A 356 -24.68 -12.43 8.28
N THR A 357 -25.41 -12.28 9.40
CA THR A 357 -25.75 -10.97 9.91
C THR A 357 -24.58 -10.33 10.67
N ILE A 358 -23.59 -11.15 11.06
CA ILE A 358 -22.52 -10.68 11.92
C ILE A 358 -21.52 -9.87 11.10
N ASP A 359 -21.15 -8.70 11.64
CA ASP A 359 -20.17 -7.81 11.02
C ASP A 359 -18.78 -8.11 11.56
N ILE A 360 -17.93 -8.68 10.69
CA ILE A 360 -16.58 -9.05 11.05
C ILE A 360 -15.63 -7.89 10.72
N MET A 361 -14.75 -7.57 11.67
CA MET A 361 -13.90 -6.39 11.56
C MET A 361 -12.54 -6.76 10.98
N TRP A 362 -11.77 -5.72 10.62
CA TRP A 362 -10.57 -5.82 9.83
C TRP A 362 -9.82 -4.50 9.96
N THR A 363 -8.50 -4.55 10.11
CA THR A 363 -7.75 -3.31 10.26
C THR A 363 -7.02 -2.96 8.96
N GLY A 364 -7.05 -3.88 7.99
CA GLY A 364 -6.43 -3.67 6.69
C GLY A 364 -5.31 -4.67 6.40
N ASP A 365 -4.32 -4.22 5.60
CA ASP A 365 -3.21 -5.07 5.20
C ASP A 365 -2.29 -5.35 6.39
N VAL A 366 -2.19 -4.37 7.30
CA VAL A 366 -1.33 -4.42 8.47
C VAL A 366 -2.13 -3.84 9.63
N ILE A 367 -1.51 -3.76 10.82
CA ILE A 367 -2.18 -3.25 12.01
C ILE A 367 -2.61 -1.81 11.80
N LEU A 368 -1.72 -0.96 11.27
CA LEU A 368 -2.10 0.41 10.97
C LEU A 368 -2.43 0.53 9.48
N GLY A 369 -3.39 -0.28 9.01
CA GLY A 369 -3.72 -0.32 7.60
C GLY A 369 -4.41 0.96 7.13
N TYR A 370 -4.17 1.31 5.86
CA TYR A 370 -4.92 2.37 5.21
C TYR A 370 -6.22 1.77 4.69
N VAL A 371 -7.18 2.63 4.34
CA VAL A 371 -8.41 2.16 3.68
C VAL A 371 -8.13 2.01 2.19
N THR A 372 -8.10 0.76 1.71
CA THR A 372 -7.84 0.52 0.29
C THR A 372 -8.85 -0.49 -0.26
N GLN A 373 -9.14 -0.37 -1.56
CA GLN A 373 -10.01 -1.31 -2.24
C GLN A 373 -9.41 -2.72 -2.14
N GLU A 374 -8.07 -2.82 -2.26
CA GLU A 374 -7.39 -4.10 -2.38
C GLU A 374 -7.52 -4.92 -1.09
N THR A 375 -7.38 -4.26 0.06
CA THR A 375 -7.49 -4.95 1.34
C THR A 375 -8.91 -5.51 1.52
N PHE A 376 -9.91 -4.78 1.03
CA PHE A 376 -11.30 -5.21 1.17
C PHE A 376 -11.62 -6.33 0.20
N GLU A 377 -11.02 -6.27 -1.00
CA GLU A 377 -11.15 -7.36 -1.97
C GLU A 377 -10.60 -8.66 -1.36
N PHE A 378 -9.47 -8.53 -0.67
CA PHE A 378 -8.84 -9.69 -0.07
C PHE A 378 -9.75 -10.27 1.01
N PHE A 379 -10.24 -9.38 1.90
CA PHE A 379 -11.09 -9.78 3.00
C PHE A 379 -12.32 -10.53 2.47
N GLU A 380 -12.93 -9.96 1.42
CA GLU A 380 -14.15 -10.52 0.85
C GLU A 380 -13.89 -11.90 0.27
N GLU A 381 -12.78 -12.04 -0.46
CA GLU A 381 -12.38 -13.29 -1.09
C GLU A 381 -12.16 -14.36 -0.01
N ALA A 382 -11.63 -13.95 1.15
CA ALA A 382 -11.21 -14.88 2.19
C ALA A 382 -12.36 -15.25 3.13
N VAL A 383 -13.21 -14.28 3.46
CA VAL A 383 -14.19 -14.48 4.51
C VAL A 383 -15.55 -14.81 3.90
N GLY A 384 -15.91 -14.13 2.80
CA GLY A 384 -17.17 -14.37 2.11
C GLY A 384 -18.15 -13.21 2.21
N ARG A 385 -17.76 -12.13 2.89
CA ARG A 385 -18.59 -10.95 3.06
C ARG A 385 -17.70 -9.73 3.19
N GLN A 386 -18.30 -8.54 3.09
CA GLN A 386 -17.53 -7.30 3.16
C GLN A 386 -17.12 -7.02 4.60
N ALA A 387 -16.00 -6.28 4.75
CA ALA A 387 -15.39 -6.03 6.04
C ALA A 387 -16.03 -4.83 6.73
N PHE A 388 -15.95 -4.84 8.06
CA PHE A 388 -16.19 -3.66 8.88
C PHE A 388 -14.82 -3.16 9.34
N MET A 389 -14.45 -1.96 8.89
CA MET A 389 -13.10 -1.45 9.04
C MET A 389 -12.90 -0.91 10.45
N TRP A 390 -11.84 -1.41 11.12
CA TRP A 390 -11.31 -0.85 12.34
C TRP A 390 -10.07 -0.02 11.97
N LEU A 391 -10.18 1.32 12.09
CA LEU A 391 -9.11 2.20 11.68
C LEU A 391 -8.23 2.56 12.88
N ASN A 392 -6.97 2.12 12.82
CA ASN A 392 -6.00 2.39 13.88
C ASN A 392 -5.37 3.77 13.66
N TRP A 393 -6.21 4.80 13.68
CA TRP A 393 -5.82 6.21 13.70
C TRP A 393 -6.99 6.98 14.29
N PRO A 394 -6.76 7.96 15.18
CA PRO A 394 -5.43 8.46 15.50
C PRO A 394 -4.80 7.94 16.79
N VAL A 395 -5.07 6.67 17.12
CA VAL A 395 -4.49 6.03 18.30
C VAL A 395 -3.00 6.36 18.37
N ASN A 396 -2.55 6.80 19.55
CA ASN A 396 -1.18 7.26 19.74
C ASN A 396 -0.44 6.38 20.74
N ASP A 397 -0.92 5.15 20.96
CA ASP A 397 -0.17 4.24 21.82
C ASP A 397 1.10 3.82 21.10
N ILE A 398 1.11 4.04 19.78
CA ILE A 398 2.25 3.77 18.92
C ILE A 398 3.34 4.82 19.16
N ASN A 399 2.97 5.95 19.78
CA ASN A 399 3.90 7.03 20.07
C ASN A 399 3.23 8.08 20.96
N ASN A 400 3.40 7.92 22.27
CA ASN A 400 2.63 8.70 23.24
C ASN A 400 3.08 10.15 23.27
N LYS A 401 4.20 10.44 22.61
CA LYS A 401 4.75 11.79 22.55
C LYS A 401 3.91 12.64 21.61
N ARG A 402 3.02 11.99 20.84
CA ARG A 402 2.31 12.67 19.77
C ARG A 402 0.85 12.93 20.13
N LEU A 403 0.36 14.11 19.74
CA LEU A 403 -1.06 14.28 19.45
C LEU A 403 -1.22 14.13 17.94
N LEU A 404 -2.26 13.40 17.52
CA LEU A 404 -2.49 13.21 16.09
C LEU A 404 -3.81 13.87 15.70
N MET A 405 -3.70 15.07 15.12
CA MET A 405 -4.89 15.85 14.80
C MET A 405 -4.84 16.35 13.35
N GLY A 406 -4.22 15.55 12.48
CA GLY A 406 -4.16 15.90 11.06
C GLY A 406 -5.43 15.48 10.33
N LYS A 407 -5.47 15.76 9.02
CA LYS A 407 -6.59 15.40 8.17
C LYS A 407 -6.64 13.88 7.98
N GLY A 408 -7.75 13.39 7.41
CA GLY A 408 -7.96 11.98 7.18
C GLY A 408 -7.23 11.47 5.93
N GLU A 409 -5.91 11.41 6.01
CA GLU A 409 -5.04 10.97 4.93
C GLU A 409 -5.30 9.51 4.58
N MET A 410 -5.76 8.70 5.55
CA MET A 410 -5.87 7.26 5.36
C MET A 410 -7.24 6.88 4.79
N LEU A 411 -8.05 7.86 4.41
CA LEU A 411 -9.42 7.62 4.00
C LEU A 411 -9.56 7.86 2.50
N ASP A 412 -9.65 6.78 1.72
CA ASP A 412 -9.76 6.88 0.27
C ASP A 412 -11.22 7.03 -0.16
N PRO A 413 -11.60 8.18 -0.75
CA PRO A 413 -12.98 8.44 -1.17
C PRO A 413 -13.52 7.58 -2.30
N THR A 414 -12.68 6.74 -2.90
CA THR A 414 -13.09 5.96 -4.07
C THR A 414 -13.36 4.49 -3.71
N VAL A 415 -13.18 4.15 -2.42
CA VAL A 415 -13.34 2.77 -1.97
C VAL A 415 -14.81 2.54 -1.58
N THR A 416 -15.39 1.45 -2.08
CA THR A 416 -16.84 1.26 -2.01
C THR A 416 -17.23 -0.05 -1.32
N ASN A 417 -16.26 -0.95 -1.08
CA ASN A 417 -16.60 -2.35 -0.87
C ASN A 417 -16.49 -2.74 0.61
N PHE A 418 -17.14 -1.98 1.50
CA PHE A 418 -17.05 -2.26 2.92
C PHE A 418 -18.25 -1.67 3.65
N LYS A 419 -18.48 -2.18 4.88
CA LYS A 419 -19.73 -2.03 5.60
C LYS A 419 -19.73 -0.77 6.47
N GLY A 420 -18.56 -0.20 6.70
CA GLY A 420 -18.45 0.95 7.59
C GLY A 420 -17.11 1.02 8.29
N ILE A 421 -16.96 2.02 9.17
CA ILE A 421 -15.64 2.30 9.73
C ILE A 421 -15.79 2.85 11.15
N VAL A 422 -14.89 2.41 12.04
CA VAL A 422 -14.74 3.04 13.35
C VAL A 422 -13.29 3.48 13.51
N THR A 423 -13.09 4.60 14.20
CA THR A 423 -11.77 5.10 14.52
C THR A 423 -11.37 4.67 15.93
N ASN A 424 -10.15 4.15 16.07
CA ASN A 424 -9.57 3.84 17.37
C ASN A 424 -8.73 5.05 17.78
N PRO A 425 -9.24 5.95 18.65
CA PRO A 425 -8.59 7.24 18.89
C PRO A 425 -7.54 7.22 19.99
N MET A 426 -7.08 8.41 20.38
CA MET A 426 -6.01 8.61 21.36
C MET A 426 -6.58 8.48 22.77
N GLN A 427 -5.69 8.33 23.75
CA GLN A 427 -6.11 8.39 25.14
C GLN A 427 -6.56 9.82 25.48
N GLU A 428 -6.21 10.77 24.61
CA GLU A 428 -6.65 12.16 24.74
C GLU A 428 -7.98 12.31 24.02
N ALA A 429 -9.06 12.31 24.81
CA ALA A 429 -10.41 12.17 24.26
C ALA A 429 -10.80 13.40 23.44
N GLN A 430 -10.64 14.60 24.01
CA GLN A 430 -11.05 15.84 23.37
C GLN A 430 -10.29 16.04 22.05
N ALA A 431 -8.97 15.82 22.07
CA ALA A 431 -8.12 15.94 20.90
C ALA A 431 -8.59 15.00 19.79
N SER A 432 -9.22 13.89 20.18
CA SER A 432 -9.68 12.88 19.22
C SER A 432 -10.86 13.39 18.39
N LYS A 433 -11.47 14.50 18.80
CA LYS A 433 -12.67 14.97 18.13
C LYS A 433 -12.38 15.27 16.65
N VAL A 434 -11.12 15.60 16.33
CA VAL A 434 -10.70 15.91 14.97
C VAL A 434 -10.93 14.70 14.07
N ALA A 435 -10.49 13.53 14.54
CA ALA A 435 -10.64 12.30 13.78
C ALA A 435 -12.10 11.85 13.76
N LEU A 436 -12.81 12.05 14.88
CA LEU A 436 -14.21 11.66 14.92
C LEU A 436 -14.96 12.37 13.79
N PHE A 437 -14.70 13.67 13.64
CA PHE A 437 -15.30 14.46 12.58
C PHE A 437 -14.97 13.84 11.22
N ALA A 438 -13.70 13.44 11.03
CA ALA A 438 -13.26 12.91 9.74
C ALA A 438 -14.00 11.62 9.41
N ILE A 439 -13.98 10.68 10.35
CA ILE A 439 -14.60 9.37 10.17
C ILE A 439 -16.11 9.51 9.97
N ALA A 440 -16.72 10.46 10.68
CA ALA A 440 -18.15 10.70 10.58
C ALA A 440 -18.50 11.14 9.15
N ASP A 441 -17.75 12.13 8.64
CA ASP A 441 -17.98 12.69 7.33
C ASP A 441 -17.72 11.62 6.26
N TYR A 442 -16.54 10.99 6.34
CA TYR A 442 -16.15 9.98 5.37
C TYR A 442 -17.10 8.78 5.44
N GLY A 443 -17.47 8.38 6.66
CA GLY A 443 -18.29 7.20 6.86
C GLY A 443 -19.68 7.37 6.24
N TRP A 444 -20.21 8.60 6.33
CA TRP A 444 -21.54 8.93 5.83
C TRP A 444 -21.53 9.07 4.31
N ASN A 445 -20.64 9.92 3.80
CA ASN A 445 -20.57 10.26 2.39
C ASN A 445 -19.14 10.09 1.90
N ARG A 446 -18.85 8.96 1.23
CA ARG A 446 -17.50 8.62 0.86
C ARG A 446 -17.00 9.45 -0.32
N ALA A 447 -17.75 9.48 -1.42
CA ALA A 447 -17.25 10.08 -2.65
C ALA A 447 -16.97 11.57 -2.45
N ASP A 448 -17.80 12.25 -1.64
CA ASP A 448 -17.68 13.68 -1.47
C ASP A 448 -16.77 14.02 -0.30
N PHE A 449 -15.95 13.06 0.16
CA PHE A 449 -15.04 13.37 1.26
C PHE A 449 -13.88 14.20 0.74
N ASP A 450 -13.84 15.45 1.21
CA ASP A 450 -12.76 16.39 0.93
C ASP A 450 -11.88 16.53 2.17
N MET A 451 -10.89 15.64 2.24
CA MET A 451 -9.86 15.53 3.26
C MET A 451 -9.45 16.92 3.77
N ASP A 452 -9.05 17.82 2.86
CA ASP A 452 -8.45 19.10 3.25
C ASP A 452 -9.50 20.05 3.82
N LYS A 453 -10.67 20.09 3.19
CA LYS A 453 -11.70 21.05 3.51
C LYS A 453 -12.41 20.62 4.80
N SER A 454 -12.71 19.32 4.88
CA SER A 454 -13.38 18.73 6.02
C SER A 454 -12.56 18.95 7.29
N TRP A 455 -11.25 18.70 7.18
CA TRP A 455 -10.33 18.91 8.28
C TRP A 455 -10.43 20.36 8.76
N LYS A 456 -10.34 21.31 7.83
CA LYS A 456 -10.34 22.71 8.16
C LYS A 456 -11.68 23.11 8.78
N ASP A 457 -12.78 22.58 8.22
CA ASP A 457 -14.11 23.02 8.64
C ASP A 457 -14.43 22.50 10.03
N SER A 458 -13.76 21.42 10.44
CA SER A 458 -14.07 20.74 11.68
C SER A 458 -13.77 21.62 12.89
N PHE A 459 -12.72 22.44 12.83
CA PHE A 459 -12.25 23.13 14.03
C PHE A 459 -13.33 24.02 14.64
N LYS A 460 -14.18 24.64 13.80
CA LYS A 460 -15.21 25.53 14.34
C LYS A 460 -16.22 24.73 15.17
N TYR A 461 -16.43 23.45 14.82
CA TYR A 461 -17.36 22.60 15.53
C TYR A 461 -16.72 22.06 16.82
N ILE A 462 -15.43 21.74 16.75
CA ILE A 462 -14.74 21.14 17.88
C ILE A 462 -14.53 22.21 18.95
N GLU A 463 -14.17 23.42 18.51
CA GLU A 463 -13.77 24.48 19.43
C GLU A 463 -14.27 25.82 18.89
N PRO A 464 -15.50 26.24 19.24
CA PRO A 464 -16.13 27.42 18.64
C PRO A 464 -15.47 28.76 18.97
N ASP A 465 -14.76 28.84 20.09
CA ASP A 465 -14.22 30.11 20.57
C ASP A 465 -12.76 30.31 20.14
N ALA A 466 -12.06 29.21 19.83
CA ALA A 466 -10.63 29.26 19.56
C ALA A 466 -10.28 28.38 18.35
N SER A 467 -11.09 28.45 17.30
CA SER A 467 -11.00 27.49 16.22
C SER A 467 -9.74 27.70 15.38
N GLU A 468 -9.34 28.97 15.20
CA GLU A 468 -8.13 29.30 14.48
C GLU A 468 -6.93 28.73 15.26
N GLU A 469 -6.94 28.93 16.57
CA GLU A 469 -5.85 28.48 17.41
C GLU A 469 -5.71 26.96 17.38
N LEU A 470 -6.83 26.24 17.52
CA LEU A 470 -6.74 24.79 17.60
C LEU A 470 -6.36 24.21 16.23
N TYR A 471 -6.85 24.84 15.16
CA TYR A 471 -6.40 24.54 13.81
C TYR A 471 -4.90 24.74 13.67
N THR A 472 -4.37 25.87 14.19
CA THR A 472 -2.94 26.11 14.22
C THR A 472 -2.20 24.94 14.89
N PHE A 473 -2.68 24.49 16.06
CA PHE A 473 -2.03 23.37 16.73
C PHE A 473 -2.08 22.10 15.87
N ALA A 474 -3.23 21.87 15.20
CA ALA A 474 -3.44 20.63 14.49
C ALA A 474 -2.53 20.55 13.27
N LYS A 475 -2.19 21.72 12.72
CA LYS A 475 -1.27 21.85 11.60
C LYS A 475 0.10 21.25 11.91
N HIS A 476 0.49 21.28 13.19
CA HIS A 476 1.86 20.96 13.60
C HIS A 476 1.90 19.74 14.51
N MET A 477 0.75 19.06 14.65
CA MET A 477 0.69 17.89 15.51
C MET A 477 -0.07 16.79 14.79
N SER A 478 0.64 15.98 13.99
CA SER A 478 -0.07 15.01 13.17
C SER A 478 0.80 13.85 12.72
N ASP A 479 2.13 13.96 12.84
CA ASP A 479 3.01 12.91 12.35
C ASP A 479 3.40 11.97 13.48
N PRO A 480 2.95 10.69 13.47
CA PRO A 480 3.29 9.72 14.51
C PRO A 480 4.70 9.12 14.42
N ALA A 481 5.37 9.30 13.28
CA ALA A 481 6.74 8.81 13.10
C ALA A 481 7.72 9.54 14.02
N PRO A 482 8.78 8.88 14.54
CA PRO A 482 9.02 7.45 14.33
C PRO A 482 8.17 6.52 15.20
N ASN A 483 7.86 5.34 14.66
CA ASN A 483 7.09 4.31 15.35
C ASN A 483 7.40 2.96 14.70
N TRP A 484 7.17 1.88 15.45
N TRP A 484 7.19 1.88 15.47
CA TRP A 484 7.61 0.55 15.06
CA TRP A 484 7.53 0.51 15.12
C TRP A 484 6.81 0.00 13.87
C TRP A 484 6.86 0.11 13.81
N HIS A 485 5.60 0.52 13.64
CA HIS A 485 4.80 0.10 12.50
C HIS A 485 5.20 0.84 11.22
N GLY A 486 5.71 2.06 11.35
CA GLY A 486 6.24 2.78 10.20
C GLY A 486 5.19 3.68 9.54
N LEU A 487 4.20 4.11 10.33
CA LEU A 487 3.18 5.02 9.84
C LEU A 487 3.78 6.42 9.83
N SER A 488 3.56 7.13 8.72
CA SER A 488 4.11 8.46 8.51
C SER A 488 3.03 9.32 7.88
N LEU A 489 2.68 10.44 8.54
CA LEU A 489 1.61 11.30 8.07
C LEU A 489 2.13 12.73 7.98
N GLU A 490 1.55 13.52 7.08
CA GLU A 490 2.06 14.86 6.89
C GLU A 490 1.71 15.74 8.09
N GLU A 491 2.55 16.76 8.30
CA GLU A 491 2.53 17.68 9.42
C GLU A 491 3.28 18.93 8.95
N SER A 492 2.73 20.11 9.27
CA SER A 492 3.35 21.37 8.90
C SER A 492 3.40 21.55 7.38
N GLU A 493 2.38 21.07 6.66
CA GLU A 493 2.49 20.97 5.22
C GLU A 493 2.47 22.36 4.56
N GLU A 494 1.65 23.27 5.08
CA GLU A 494 1.57 24.62 4.54
C GLU A 494 2.83 25.41 4.85
N LEU A 495 3.44 25.17 6.01
CA LEU A 495 4.60 25.92 6.44
C LEU A 495 5.88 25.39 5.79
N ARG A 496 5.84 24.14 5.32
CA ARG A 496 7.01 23.42 4.85
C ARG A 496 7.77 24.18 3.76
N PRO A 497 7.12 24.68 2.68
CA PRO A 497 7.85 25.35 1.60
C PRO A 497 8.55 26.61 2.11
N VAL A 498 7.94 27.25 3.11
CA VAL A 498 8.47 28.48 3.68
C VAL A 498 9.73 28.15 4.49
N ILE A 499 9.67 27.08 5.28
CA ILE A 499 10.83 26.60 6.03
C ILE A 499 11.97 26.27 5.07
N GLU A 500 11.63 25.58 3.97
CA GLU A 500 12.64 25.09 3.04
C GLU A 500 13.31 26.26 2.32
N GLU A 501 12.52 27.27 1.95
CA GLU A 501 13.04 28.42 1.25
C GLU A 501 13.99 29.22 2.15
N PHE A 502 13.59 29.45 3.40
CA PHE A 502 14.46 30.17 4.31
C PHE A 502 15.78 29.42 4.46
N THR A 503 15.71 28.09 4.53
CA THR A 503 16.90 27.28 4.76
C THR A 503 17.84 27.39 3.57
N ARG A 504 17.30 27.28 2.34
CA ARG A 504 18.19 27.29 1.19
C ARG A 504 18.83 28.67 1.04
N ARG A 505 18.03 29.73 1.20
CA ARG A 505 18.55 31.08 1.12
C ARG A 505 19.73 31.25 2.08
N LEU A 506 19.55 30.81 3.32
CA LEU A 506 20.56 30.97 4.34
C LEU A 506 21.81 30.16 3.98
N TRP A 507 21.59 28.93 3.51
CA TRP A 507 22.65 27.97 3.31
C TRP A 507 23.40 28.25 1.99
N GLU A 508 22.72 28.88 1.04
CA GLU A 508 23.31 29.17 -0.26
C GLU A 508 23.78 30.62 -0.30
N LYS A 509 24.01 31.18 0.89
CA LYS A 509 24.66 32.47 1.08
C LYS A 509 23.94 33.54 0.26
N GLU A 510 22.63 33.68 0.49
CA GLU A 510 21.85 34.76 -0.07
C GLU A 510 21.30 35.59 1.08
N SER A 511 20.74 36.76 0.77
CA SER A 511 20.15 37.60 1.80
C SER A 511 18.92 36.92 2.40
N VAL A 512 18.76 37.03 3.73
CA VAL A 512 17.59 36.48 4.38
C VAL A 512 16.77 37.60 5.02
N LEU A 513 17.17 38.87 4.78
CA LEU A 513 16.54 39.99 5.45
C LEU A 513 15.05 40.07 5.12
N ASP A 514 14.69 39.91 3.84
CA ASP A 514 13.32 40.10 3.41
C ASP A 514 12.48 38.86 3.72
N TYR A 515 13.04 37.69 3.45
CA TYR A 515 12.25 36.49 3.64
C TYR A 515 11.99 36.26 5.12
N SER A 516 12.88 36.78 5.97
CA SER A 516 12.76 36.56 7.40
C SER A 516 11.46 37.14 7.93
N LYS A 517 11.01 38.25 7.34
CA LYS A 517 9.73 38.85 7.69
C LYS A 517 8.60 37.84 7.46
N VAL A 518 8.62 37.18 6.30
CA VAL A 518 7.59 36.22 5.90
C VAL A 518 7.52 35.09 6.94
N ILE A 519 8.68 34.53 7.29
CA ILE A 519 8.72 33.33 8.11
C ILE A 519 8.49 33.68 9.58
N LEU A 520 8.89 34.88 9.99
CA LEU A 520 8.65 35.36 11.35
C LEU A 520 7.15 35.62 11.55
N ASP A 521 6.46 36.04 10.47
CA ASP A 521 5.01 36.16 10.53
C ASP A 521 4.39 34.79 10.84
N GLU A 522 4.88 33.75 10.15
CA GLU A 522 4.35 32.41 10.32
C GLU A 522 4.55 31.96 11.77
N TYR A 523 5.74 32.20 12.31
CA TYR A 523 6.05 31.71 13.65
C TYR A 523 5.35 32.56 14.72
N GLN A 524 5.13 33.85 14.44
CA GLN A 524 4.44 34.71 15.40
C GLN A 524 2.99 34.26 15.55
N GLU A 525 2.40 33.77 14.45
CA GLU A 525 1.04 33.27 14.44
C GLU A 525 0.94 32.00 15.31
N ILE A 526 1.93 31.11 15.19
CA ILE A 526 1.97 29.91 16.02
C ILE A 526 2.05 30.33 17.48
N LEU A 527 2.99 31.24 17.78
CA LEU A 527 3.24 31.66 19.16
C LEU A 527 1.98 32.29 19.75
N ASP A 528 1.33 33.18 18.98
CA ASP A 528 0.13 33.85 19.44
C ASP A 528 -0.96 32.83 19.78
N ALA A 529 -1.09 31.81 18.93
CA ALA A 529 -2.06 30.75 19.12
C ALA A 529 -1.81 30.07 20.47
N THR A 530 -0.55 29.80 20.80
CA THR A 530 -0.21 29.09 22.02
C THR A 530 -0.42 29.98 23.24
N ASN A 531 -0.53 31.30 23.02
CA ASN A 531 -0.67 32.25 24.12
C ASN A 531 -2.13 32.66 24.31
N ASN A 532 -2.96 32.54 23.27
CA ASN A 532 -4.32 33.05 23.32
C ASN A 532 -5.32 31.92 23.59
N PHE A 533 -4.87 30.67 23.42
CA PHE A 533 -5.80 29.56 23.39
C PHE A 533 -6.54 29.42 24.72
N ALA A 534 -5.79 29.35 25.83
CA ALA A 534 -6.36 29.11 27.15
C ALA A 534 -7.34 30.23 27.53
N THR A 535 -7.07 31.44 27.03
CA THR A 535 -7.91 32.59 27.28
C THR A 535 -9.24 32.43 26.54
N LYS A 536 -9.18 31.92 25.30
CA LYS A 536 -10.34 31.98 24.41
C LYS A 536 -11.25 30.76 24.61
N SER A 537 -10.65 29.58 24.81
CA SER A 537 -11.42 28.35 24.90
C SER A 537 -12.09 28.25 26.28
N LYS A 538 -13.34 27.77 26.29
CA LYS A 538 -14.11 27.58 27.52
C LYS A 538 -14.17 26.10 27.90
N ASN A 539 -13.42 25.25 27.16
CA ASN A 539 -13.45 23.81 27.30
C ASN A 539 -12.30 23.33 28.18
N GLU A 540 -12.55 23.28 29.50
CA GLU A 540 -11.56 22.90 30.49
C GLU A 540 -10.95 21.54 30.20
N LEU A 541 -11.78 20.63 29.66
CA LEU A 541 -11.35 19.26 29.42
C LEU A 541 -10.30 19.22 28.31
N LEU A 542 -10.53 20.00 27.24
CA LEU A 542 -9.58 20.07 26.15
C LEU A 542 -8.32 20.80 26.59
N LYS A 543 -8.48 21.91 27.31
CA LYS A 543 -7.37 22.74 27.75
C LYS A 543 -6.33 21.93 28.53
N SER A 544 -6.80 21.14 29.52
CA SER A 544 -5.89 20.44 30.41
C SER A 544 -5.25 19.24 29.71
N GLU A 545 -6.00 18.66 28.76
CA GLU A 545 -5.55 17.51 28.00
C GLU A 545 -4.34 17.87 27.14
N ILE A 546 -4.40 19.00 26.43
CA ILE A 546 -3.42 19.30 25.39
C ILE A 546 -2.33 20.27 25.87
N LYS A 547 -2.43 20.75 27.11
CA LYS A 547 -1.60 21.83 27.65
C LYS A 547 -0.11 21.59 27.41
N GLY A 548 0.36 20.38 27.72
CA GLY A 548 1.77 20.02 27.59
C GLY A 548 2.29 20.18 26.15
N TRP A 549 1.42 19.88 25.18
CA TRP A 549 1.76 20.00 23.77
C TRP A 549 1.82 21.46 23.36
N VAL A 550 0.91 22.27 23.92
CA VAL A 550 0.90 23.68 23.60
C VAL A 550 2.13 24.34 24.22
N ASP A 551 2.52 23.85 25.41
CA ASP A 551 3.70 24.34 26.11
C ASP A 551 4.95 24.04 25.29
N SER A 552 5.01 22.83 24.74
CA SER A 552 6.15 22.42 23.95
C SER A 552 6.21 23.25 22.66
N LEU A 553 5.06 23.45 22.03
CA LEU A 553 4.98 24.19 20.78
C LEU A 553 5.32 25.66 21.01
N ARG A 554 4.90 26.22 22.15
CA ARG A 554 5.22 27.61 22.45
C ARG A 554 6.74 27.80 22.45
N ASP A 555 7.44 26.89 23.12
CA ASP A 555 8.88 26.92 23.21
C ASP A 555 9.51 26.75 21.82
N LEU A 556 8.96 25.86 20.97
CA LEU A 556 9.48 25.68 19.63
C LEU A 556 9.37 26.99 18.86
N ALA A 557 8.22 27.68 18.98
CA ALA A 557 8.01 28.94 18.29
C ALA A 557 9.01 29.99 18.77
N GLU A 558 9.24 30.05 20.09
CA GLU A 558 10.17 31.02 20.65
C GLU A 558 11.60 30.70 20.19
N SER A 559 11.93 29.41 20.12
CA SER A 559 13.25 28.95 19.71
C SER A 559 13.51 29.30 18.25
N THR A 560 12.52 29.08 17.40
CA THR A 560 12.69 29.33 15.98
C THR A 560 12.89 30.83 15.76
N ILE A 561 12.10 31.65 16.46
CA ILE A 561 12.16 33.10 16.34
C ILE A 561 13.53 33.60 16.78
N ALA A 562 14.05 33.04 17.88
CA ALA A 562 15.36 33.44 18.37
C ALA A 562 16.43 33.12 17.32
N TYR A 563 16.37 31.92 16.74
CA TYR A 563 17.37 31.50 15.77
C TYR A 563 17.30 32.37 14.52
N ILE A 564 16.09 32.53 13.96
CA ILE A 564 15.90 33.44 12.84
C ILE A 564 16.45 34.83 13.21
N ASN A 565 16.21 35.26 14.45
CA ASN A 565 16.69 36.58 14.84
C ASN A 565 18.21 36.61 14.82
N SER A 566 18.83 35.49 15.21
CA SER A 566 20.28 35.36 15.25
C SER A 566 20.86 35.45 13.84
N ALA A 567 20.25 34.73 12.90
CA ALA A 567 20.71 34.72 11.51
C ALA A 567 20.65 36.13 10.92
N VAL A 568 19.56 36.85 11.22
CA VAL A 568 19.35 38.21 10.75
C VAL A 568 20.43 39.13 11.33
N ALA A 569 20.60 39.12 12.65
CA ALA A 569 21.60 39.93 13.32
C ALA A 569 22.98 39.66 12.72
N PHE A 570 23.24 38.40 12.38
CA PHE A 570 24.53 38.01 11.82
C PHE A 570 24.74 38.65 10.45
N GLU A 571 23.69 38.70 9.63
CA GLU A 571 23.85 39.25 8.30
C GLU A 571 24.12 40.76 8.41
N LYS A 572 23.42 41.42 9.34
CA LYS A 572 23.51 42.85 9.56
C LYS A 572 24.83 43.21 10.23
N GLY A 573 25.52 42.20 10.78
CA GLY A 573 26.83 42.40 11.37
C GLY A 573 26.80 42.74 12.86
N ASN A 574 25.65 42.54 13.53
CA ASN A 574 25.56 42.74 14.96
C ASN A 574 25.84 41.42 15.67
N TYR A 575 27.12 41.12 15.86
CA TYR A 575 27.57 39.79 16.26
C TYR A 575 27.25 39.54 17.73
N GLU A 576 27.38 40.57 18.57
CA GLU A 576 27.10 40.38 19.98
C GLU A 576 25.62 40.02 20.14
N GLU A 577 24.77 40.67 19.33
CA GLU A 577 23.34 40.46 19.40
C GLU A 577 22.97 39.07 18.86
N ALA A 578 23.65 38.61 17.80
CA ALA A 578 23.31 37.35 17.16
C ALA A 578 23.73 36.18 18.06
N MET A 579 24.71 36.45 18.91
CA MET A 579 25.22 35.51 19.89
C MET A 579 24.15 35.26 20.95
N LYS A 580 23.54 36.35 21.44
CA LYS A 580 22.54 36.30 22.49
C LYS A 580 21.27 35.59 21.99
N TYR A 581 20.90 35.85 20.73
CA TYR A 581 19.75 35.20 20.12
C TYR A 581 19.99 33.70 20.00
N TYR A 582 21.21 33.33 19.57
CA TYR A 582 21.58 31.94 19.43
C TYR A 582 21.40 31.21 20.76
N VAL A 583 21.88 31.85 21.83
CA VAL A 583 21.78 31.30 23.17
C VAL A 583 20.31 31.19 23.58
N LEU A 584 19.51 32.23 23.32
CA LEU A 584 18.09 32.18 23.60
C LEU A 584 17.45 31.01 22.85
N GLY A 585 17.89 30.81 21.60
CA GLY A 585 17.41 29.72 20.76
C GLY A 585 17.67 28.34 21.38
N GLU A 586 18.86 28.16 21.95
CA GLU A 586 19.25 26.90 22.57
C GLU A 586 18.41 26.63 23.82
N GLU A 587 18.12 27.69 24.60
CA GLU A 587 17.43 27.56 25.87
C GLU A 587 15.97 27.19 25.62
N GLU A 588 15.38 27.77 24.57
CA GLU A 588 13.98 27.51 24.23
C GLU A 588 13.81 26.09 23.73
N TYR A 589 14.76 25.61 22.91
CA TYR A 589 14.66 24.25 22.43
C TYR A 589 14.69 23.30 23.63
N THR A 590 15.61 23.53 24.57
CA THR A 590 15.70 22.67 25.75
C THR A 590 14.37 22.71 26.51
N ALA A 591 13.82 23.93 26.69
CA ALA A 591 12.55 24.17 27.36
C ALA A 591 11.43 23.35 26.70
N SER A 592 11.45 23.27 25.37
CA SER A 592 10.39 22.58 24.64
C SER A 592 10.35 21.10 25.03
N ARG A 593 11.42 20.60 25.64
CA ARG A 593 11.55 19.18 25.95
C ARG A 593 11.33 18.92 27.43
N SER A 594 10.87 19.94 28.16
CA SER A 594 10.89 19.89 29.61
C SER A 594 9.54 19.45 30.20
N HIS A 595 8.51 19.30 29.34
CA HIS A 595 7.15 19.09 29.79
C HIS A 595 6.82 17.60 29.92
N ARG A 596 5.79 17.29 30.71
CA ARG A 596 5.45 15.90 31.02
C ARG A 596 3.94 15.73 31.01
N THR A 597 3.48 14.59 30.47
CA THR A 597 2.06 14.26 30.46
C THR A 597 1.87 12.82 30.95
N PRO A 598 0.68 12.48 31.50
CA PRO A 598 0.46 11.15 32.07
C PRO A 598 0.33 10.04 31.03
N VAL A 599 1.00 8.91 31.30
CA VAL A 599 0.74 7.66 30.60
C VAL A 599 0.54 6.57 31.64
N ILE A 600 0.10 5.39 31.16
CA ILE A 600 -0.43 4.33 32.01
C ILE A 600 0.63 3.90 33.03
N ASN A 601 1.89 3.91 32.61
CA ASN A 601 2.96 3.35 33.41
C ASN A 601 3.67 4.46 34.20
N GLY A 602 3.49 5.71 33.80
CA GLY A 602 4.20 6.82 34.41
C GLY A 602 3.99 8.13 33.67
N GLN A 603 5.09 8.64 33.07
CA GLN A 603 5.07 9.97 32.44
C GLN A 603 5.70 9.92 31.06
N SER A 604 5.25 10.85 30.20
CA SER A 604 5.75 10.94 28.83
C SER A 604 6.04 12.40 28.48
N ARG A 605 7.03 12.61 27.61
CA ARG A 605 7.45 13.93 27.16
C ARG A 605 6.70 14.31 25.87
N PRO A 606 5.77 15.29 25.90
CA PRO A 606 5.04 15.67 24.70
C PRO A 606 6.03 16.30 23.73
N GLU A 607 5.89 15.90 22.46
CA GLU A 607 6.85 16.29 21.43
C GLU A 607 6.11 16.59 20.13
N PRO A 608 5.45 17.76 20.00
CA PRO A 608 4.92 18.21 18.70
C PRO A 608 6.01 18.76 17.77
N GLY A 609 5.63 18.89 16.48
CA GLY A 609 6.41 19.62 15.49
C GLY A 609 7.66 18.87 15.03
N THR A 610 7.60 17.54 15.02
CA THR A 610 8.77 16.72 14.75
C THR A 610 9.04 16.59 13.26
N ARG A 611 8.03 16.76 12.41
CA ARG A 611 8.26 16.49 10.99
C ARG A 611 9.12 17.60 10.37
N HIS A 612 8.82 18.86 10.71
CA HIS A 612 9.53 19.96 10.07
C HIS A 612 10.01 21.01 11.06
N LEU A 613 9.26 21.23 12.16
CA LEU A 613 9.57 22.34 13.06
C LEU A 613 10.91 22.11 13.76
N ILE A 614 11.07 20.92 14.34
CA ILE A 614 12.29 20.60 15.07
C ILE A 614 13.48 20.50 14.11
N PRO A 615 13.37 19.78 12.97
CA PRO A 615 14.45 19.72 11.98
C PRO A 615 14.96 21.10 11.56
N PHE A 616 14.05 22.07 11.44
CA PHE A 616 14.40 23.43 11.06
C PHE A 616 15.26 24.08 12.15
N ILE A 617 14.83 23.93 13.41
CA ILE A 617 15.56 24.46 14.55
C ILE A 617 16.97 23.88 14.55
N LYS A 618 17.09 22.59 14.23
CA LYS A 618 18.37 21.92 14.25
C LYS A 618 19.25 22.45 13.11
N ASP A 619 18.64 22.62 11.94
CA ASP A 619 19.28 23.17 10.76
C ASP A 619 19.81 24.57 11.05
N LEU A 620 18.95 25.45 11.60
CA LEU A 620 19.35 26.81 11.88
C LEU A 620 20.58 26.81 12.78
N SER A 621 20.59 25.92 13.79
CA SER A 621 21.61 25.98 14.82
C SER A 621 22.95 25.48 14.28
N LYS A 622 22.91 24.64 13.24
CA LYS A 622 24.09 24.12 12.58
C LYS A 622 24.64 25.13 11.59
N ILE A 623 23.76 25.86 10.90
CA ILE A 623 24.17 26.75 9.84
C ILE A 623 24.70 28.06 10.44
N ILE A 624 23.98 28.63 11.40
CA ILE A 624 24.40 29.90 11.96
C ILE A 624 25.77 29.70 12.62
N GLY A 625 26.73 30.54 12.23
CA GLY A 625 28.05 30.48 12.83
C GLY A 625 29.00 29.51 12.13
N ASP A 626 28.46 28.68 11.23
CA ASP A 626 29.27 27.85 10.36
C ASP A 626 28.90 28.18 8.91
N ASN A 627 28.88 29.48 8.61
CA ASN A 627 28.30 29.98 7.37
C ASN A 627 29.14 31.15 6.84
N GLY B 31 -1.54 -6.14 -36.64
CA GLY B 31 -0.31 -6.95 -36.39
C GLY B 31 0.39 -7.33 -37.70
N ASP B 32 1.16 -6.38 -38.23
CA ASP B 32 2.00 -6.60 -39.41
C ASP B 32 3.36 -5.96 -39.18
N GLU B 33 3.44 -5.10 -38.16
CA GLU B 33 4.67 -4.47 -37.72
C GLU B 33 5.40 -5.38 -36.75
N TYR B 34 6.64 -5.03 -36.41
CA TYR B 34 7.52 -5.90 -35.67
C TYR B 34 7.17 -5.91 -34.17
N GLU B 35 7.50 -7.03 -33.52
CA GLU B 35 7.41 -7.15 -32.07
C GLU B 35 8.79 -6.91 -31.47
N ILE B 36 8.90 -5.81 -30.71
CA ILE B 36 10.15 -5.43 -30.06
C ILE B 36 9.89 -5.25 -28.56
N TYR B 37 10.65 -6.00 -27.76
CA TYR B 37 10.62 -5.86 -26.31
C TYR B 37 12.03 -5.55 -25.81
N PRO B 38 12.21 -4.56 -24.91
CA PRO B 38 11.10 -3.75 -24.37
C PRO B 38 10.42 -2.89 -25.42
N ILE B 39 9.15 -2.55 -25.17
CA ILE B 39 8.38 -1.66 -26.02
C ILE B 39 9.23 -0.41 -26.26
N PRO B 40 9.53 -0.03 -27.52
CA PRO B 40 10.33 1.16 -27.81
C PRO B 40 9.54 2.43 -27.49
N GLN B 41 10.27 3.49 -27.13
CA GLN B 41 9.65 4.76 -26.74
C GLN B 41 8.88 5.33 -27.93
N SER B 42 9.53 5.29 -29.11
CA SER B 42 8.89 5.70 -30.36
C SER B 42 9.33 4.79 -31.49
N ILE B 43 8.35 4.39 -32.31
CA ILE B 43 8.61 3.66 -33.54
C ILE B 43 7.68 4.18 -34.63
N LYS B 44 8.28 4.58 -35.76
CA LYS B 44 7.57 5.08 -36.92
C LYS B 44 7.91 4.24 -38.14
N TYR B 45 6.88 4.00 -38.98
CA TYR B 45 7.01 3.27 -40.23
C TYR B 45 6.48 4.13 -41.37
N ASP B 46 6.97 3.87 -42.59
CA ASP B 46 6.35 4.39 -43.80
C ASP B 46 6.16 3.24 -44.79
N ASN B 47 5.16 3.35 -45.68
CA ASN B 47 4.86 2.31 -46.65
C ASN B 47 5.98 2.23 -47.68
N SER B 48 7.00 1.42 -47.35
CA SER B 48 8.18 1.20 -48.17
C SER B 48 8.97 0.02 -47.60
N ILE B 49 9.58 -0.77 -48.49
CA ILE B 49 10.32 -1.97 -48.12
C ILE B 49 11.73 -1.86 -48.69
N VAL B 50 12.66 -2.65 -48.13
CA VAL B 50 14.03 -2.75 -48.61
C VAL B 50 14.30 -4.23 -48.84
N THR B 51 15.45 -4.54 -49.47
CA THR B 51 15.92 -5.93 -49.52
C THR B 51 17.33 -5.99 -48.98
N LEU B 52 17.58 -7.00 -48.14
CA LEU B 52 18.90 -7.26 -47.60
C LEU B 52 19.65 -8.14 -48.60
N GLY B 53 20.79 -7.64 -49.10
CA GLY B 53 21.68 -8.43 -49.93
C GLY B 53 22.41 -9.47 -49.09
N THR B 54 23.05 -10.44 -49.76
CA THR B 54 23.80 -11.46 -49.03
C THR B 54 25.21 -10.96 -48.74
N ASP B 55 25.58 -9.84 -49.38
CA ASP B 55 26.86 -9.18 -49.15
C ASP B 55 26.59 -7.74 -48.72
N ALA B 56 27.25 -7.31 -47.63
CA ALA B 56 26.96 -6.00 -47.04
C ALA B 56 28.23 -5.27 -46.59
N ASN B 57 28.07 -3.94 -46.45
CA ASN B 57 29.13 -3.03 -46.08
C ASN B 57 28.86 -2.50 -44.67
N VAL B 58 29.88 -2.52 -43.82
CA VAL B 58 29.75 -2.24 -42.40
C VAL B 58 30.73 -1.13 -42.00
N VAL B 59 30.20 -0.07 -41.36
CA VAL B 59 31.01 1.07 -40.93
C VAL B 59 30.93 1.23 -39.41
N PHE B 60 32.10 1.22 -38.76
CA PHE B 60 32.22 1.36 -37.32
C PHE B 60 33.09 2.58 -36.97
N GLU B 61 32.47 3.63 -36.41
CA GLU B 61 33.20 4.80 -35.95
C GLU B 61 34.19 4.41 -34.85
N GLU B 62 35.08 5.35 -34.48
CA GLU B 62 36.19 5.05 -33.58
C GLU B 62 35.70 4.84 -32.15
N GLY B 63 34.40 5.14 -31.91
CA GLY B 63 33.84 5.09 -30.56
C GLY B 63 33.30 3.71 -30.17
N ILE B 64 33.03 2.86 -31.17
CA ILE B 64 32.41 1.56 -30.97
C ILE B 64 33.44 0.59 -30.37
N ASP B 65 33.04 -0.13 -29.33
CA ASP B 65 33.90 -1.13 -28.71
C ASP B 65 33.68 -2.50 -29.37
N GLU B 66 34.52 -3.47 -28.96
CA GLU B 66 34.55 -4.78 -29.59
C GLU B 66 33.21 -5.49 -29.43
N ALA B 67 32.66 -5.41 -28.20
CA ALA B 67 31.44 -6.13 -27.85
C ALA B 67 30.27 -5.66 -28.72
N THR B 68 30.26 -4.36 -29.04
CA THR B 68 29.24 -3.77 -29.89
C THR B 68 29.41 -4.28 -31.32
N LYS B 69 30.68 -4.32 -31.78
CA LYS B 69 31.01 -4.79 -33.12
C LYS B 69 30.47 -6.21 -33.31
N ASN B 70 30.80 -7.08 -32.35
CA ASN B 70 30.44 -8.49 -32.38
C ASN B 70 28.92 -8.66 -32.34
N ARG B 71 28.23 -7.66 -31.77
CA ARG B 71 26.78 -7.71 -31.68
C ARG B 71 26.18 -7.57 -33.08
N LEU B 72 26.79 -6.72 -33.90
CA LEU B 72 26.32 -6.51 -35.26
C LEU B 72 26.61 -7.75 -36.12
N LEU B 73 27.79 -8.34 -35.94
CA LEU B 73 28.17 -9.53 -36.70
C LEU B 73 27.24 -10.70 -36.36
N GLU B 74 26.77 -10.72 -35.10
CA GLU B 74 25.83 -11.73 -34.63
C GLU B 74 24.48 -11.55 -35.33
N VAL B 75 24.08 -10.28 -35.50
CA VAL B 75 22.82 -9.88 -36.10
C VAL B 75 22.81 -10.24 -37.58
N LEU B 76 23.98 -10.09 -38.22
CA LEU B 76 24.11 -10.35 -39.65
C LEU B 76 24.03 -11.85 -39.92
N SER B 77 24.85 -12.64 -39.23
CA SER B 77 24.95 -14.07 -39.49
C SER B 77 23.75 -14.82 -38.91
N ILE B 78 22.66 -14.08 -38.62
CA ILE B 78 21.35 -14.64 -38.40
C ILE B 78 20.71 -14.87 -39.77
N LYS B 79 20.97 -13.94 -40.68
CA LYS B 79 20.44 -13.96 -42.04
C LYS B 79 21.53 -14.44 -43.02
N GLY B 80 22.66 -14.90 -42.48
CA GLY B 80 23.78 -15.41 -43.25
C GLY B 80 24.35 -14.37 -44.22
N ILE B 81 24.55 -13.14 -43.72
CA ILE B 81 25.09 -12.04 -44.50
C ILE B 81 26.60 -11.98 -44.29
N ASN B 82 27.34 -11.77 -45.39
CA ASN B 82 28.79 -11.58 -45.34
C ASN B 82 29.11 -10.09 -45.35
N HIS B 83 30.27 -9.76 -44.76
CA HIS B 83 30.61 -8.37 -44.52
C HIS B 83 32.02 -8.07 -45.03
N GLU B 84 32.13 -6.96 -45.76
CA GLU B 84 33.39 -6.26 -45.92
C GLU B 84 33.30 -4.98 -45.09
N GLU B 85 34.32 -4.74 -44.26
CA GLU B 85 34.36 -3.54 -43.43
C GLU B 85 35.07 -2.42 -44.19
N SER B 86 34.43 -1.24 -44.22
CA SER B 86 34.96 -0.09 -44.92
C SER B 86 34.78 1.18 -44.08
N ASN B 87 34.79 2.35 -44.75
CA ASN B 87 34.77 3.61 -44.03
C ASN B 87 33.92 4.65 -44.77
N GLU B 88 33.11 4.20 -45.74
CA GLU B 88 32.20 5.09 -46.44
C GLU B 88 30.97 4.31 -46.92
N ILE B 89 29.82 4.99 -46.95
CA ILE B 89 28.57 4.42 -47.44
C ILE B 89 28.71 4.13 -48.93
N LYS B 90 28.20 2.97 -49.37
CA LYS B 90 28.37 2.49 -50.74
C LYS B 90 27.00 2.29 -51.39
N GLU B 91 26.83 2.80 -52.61
CA GLU B 91 25.58 2.67 -53.36
C GLU B 91 25.50 1.31 -54.03
N ASP B 92 26.65 0.61 -54.11
CA ASP B 92 26.73 -0.72 -54.69
C ASP B 92 26.06 -1.74 -53.76
N LYS B 93 26.54 -1.81 -52.52
CA LYS B 93 26.14 -2.83 -51.56
C LYS B 93 25.05 -2.31 -50.62
N THR B 94 24.69 -3.13 -49.62
CA THR B 94 23.73 -2.78 -48.59
C THR B 94 24.49 -2.50 -47.28
N ASN B 95 24.15 -1.39 -46.62
CA ASN B 95 25.05 -0.75 -45.66
C ASN B 95 24.54 -0.82 -44.22
N PHE B 96 25.48 -1.06 -43.30
CA PHE B 96 25.24 -1.09 -41.86
C PHE B 96 26.15 -0.07 -41.18
N LEU B 97 25.54 0.95 -40.56
CA LEU B 97 26.25 2.07 -39.96
C LEU B 97 26.03 2.09 -38.44
N ILE B 98 27.13 2.01 -37.69
CA ILE B 98 27.09 2.04 -36.23
C ILE B 98 27.98 3.18 -35.74
N GLY B 99 27.36 4.27 -35.26
CA GLY B 99 28.09 5.44 -34.86
C GLY B 99 27.65 6.01 -33.50
N ILE B 100 28.39 7.02 -33.04
CA ILE B 100 28.14 7.71 -31.78
C ILE B 100 27.75 9.15 -32.10
N ASN B 101 26.73 9.66 -31.39
CA ASN B 101 26.23 11.01 -31.60
C ASN B 101 27.34 12.02 -31.27
N ASN B 102 27.38 13.10 -32.07
CA ASN B 102 28.21 14.28 -31.87
C ASN B 102 29.70 13.92 -31.89
N SER B 103 30.09 13.04 -32.82
CA SER B 103 31.49 12.64 -32.97
C SER B 103 32.02 13.14 -34.30
N GLU B 104 31.19 13.91 -35.01
CA GLU B 104 31.50 14.47 -36.33
C GLU B 104 32.13 13.40 -37.22
N GLY B 105 31.86 12.13 -36.89
CA GLY B 105 32.31 10.99 -37.67
C GLY B 105 31.40 10.74 -38.87
N VAL B 106 31.68 9.66 -39.61
CA VAL B 106 30.99 9.30 -40.83
C VAL B 106 29.50 9.14 -40.55
N VAL B 107 29.19 8.30 -39.56
CA VAL B 107 27.83 7.85 -39.27
C VAL B 107 27.05 9.00 -38.63
N ASP B 108 27.76 9.78 -37.81
CA ASP B 108 27.20 10.97 -37.18
C ASP B 108 26.77 11.98 -38.25
N LYS B 109 27.63 12.15 -39.26
CA LYS B 109 27.39 13.09 -40.35
C LYS B 109 26.15 12.66 -41.14
N TYR B 110 26.04 11.34 -41.37
CA TYR B 110 24.95 10.77 -42.13
C TYR B 110 23.61 11.13 -41.50
N PHE B 111 23.52 10.97 -40.18
CA PHE B 111 22.29 11.26 -39.44
C PHE B 111 21.99 12.75 -39.50
N THR B 112 23.01 13.58 -39.25
CA THR B 112 22.89 15.03 -39.23
C THR B 112 22.34 15.53 -40.56
N ASP B 113 22.82 14.93 -41.66
CA ASP B 113 22.58 15.42 -43.01
C ASP B 113 21.14 15.12 -43.45
N ASN B 114 20.47 14.17 -42.76
CA ASN B 114 19.12 13.79 -43.12
C ASN B 114 18.12 14.32 -42.08
N ASN B 115 18.62 15.13 -41.13
CA ASN B 115 17.82 15.78 -40.09
C ASN B 115 16.85 14.77 -39.48
N LEU B 116 17.39 13.65 -38.97
CA LEU B 116 16.59 12.53 -38.55
C LEU B 116 16.13 12.68 -37.10
N VAL B 117 17.02 13.17 -36.22
CA VAL B 117 16.72 13.19 -34.81
C VAL B 117 16.85 14.61 -34.26
N ASN B 118 15.93 14.97 -33.34
CA ASN B 118 16.04 16.17 -32.54
C ASN B 118 17.16 15.98 -31.51
N ASP B 119 17.81 17.09 -31.13
CA ASP B 119 19.04 17.05 -30.35
C ASP B 119 18.75 16.84 -28.87
N SER B 120 17.48 17.00 -28.47
CA SER B 120 17.06 16.82 -27.09
C SER B 120 16.99 15.34 -26.73
N HIS B 121 16.83 14.50 -27.76
CA HIS B 121 16.65 13.07 -27.61
C HIS B 121 17.76 12.45 -26.77
N PHE B 122 19.01 12.88 -27.01
CA PHE B 122 20.18 12.20 -26.49
C PHE B 122 20.47 12.59 -25.04
N GLU B 123 19.56 13.39 -24.45
CA GLU B 123 19.68 13.79 -23.07
C GLU B 123 19.17 12.68 -22.15
N ASN B 124 18.35 11.77 -22.70
CA ASN B 124 17.75 10.66 -21.98
C ASN B 124 18.76 9.54 -21.77
N HIS B 125 18.41 8.60 -20.87
CA HIS B 125 19.26 7.45 -20.56
C HIS B 125 19.31 6.49 -21.74
N ASP B 126 20.53 6.07 -22.09
CA ASP B 126 20.80 5.03 -23.07
C ASP B 126 20.17 5.37 -24.42
N ALA B 127 20.05 6.68 -24.70
CA ALA B 127 19.34 7.17 -25.88
C ALA B 127 20.08 6.72 -27.14
N HIS B 128 19.31 6.21 -28.10
CA HIS B 128 19.86 5.80 -29.39
C HIS B 128 18.77 5.92 -30.45
N VAL B 129 19.19 5.80 -31.72
CA VAL B 129 18.29 5.87 -32.87
C VAL B 129 18.62 4.73 -33.82
N VAL B 130 17.57 4.14 -34.40
CA VAL B 130 17.70 3.10 -35.41
C VAL B 130 16.92 3.54 -36.65
N SER B 131 17.62 3.53 -37.80
CA SER B 131 17.07 4.00 -39.07
C SER B 131 17.21 2.93 -40.16
N VAL B 132 16.07 2.63 -40.79
CA VAL B 132 16.01 1.83 -42.00
C VAL B 132 15.38 2.70 -43.09
N LYS B 133 16.25 3.31 -43.91
CA LYS B 133 15.86 4.09 -45.09
C LYS B 133 16.75 3.68 -46.25
N GLY B 134 16.12 3.26 -47.36
CA GLY B 134 16.82 2.94 -48.60
C GLY B 134 17.61 1.64 -48.51
N ASN B 135 18.93 1.77 -48.37
CA ASN B 135 19.81 0.62 -48.29
C ASN B 135 20.91 0.90 -47.26
N VAL B 136 20.60 1.81 -46.34
CA VAL B 136 21.42 2.03 -45.15
C VAL B 136 20.60 1.64 -43.92
N ILE B 137 21.16 0.72 -43.12
CA ILE B 137 20.65 0.40 -41.80
C ILE B 137 21.60 1.01 -40.78
N ALA B 138 21.09 1.95 -39.98
CA ALA B 138 21.94 2.85 -39.20
C ALA B 138 21.52 2.91 -37.74
N VAL B 139 22.52 3.01 -36.85
CA VAL B 139 22.34 3.09 -35.41
C VAL B 139 23.22 4.22 -34.87
N LEU B 140 22.61 5.15 -34.14
CA LEU B 140 23.33 6.25 -33.51
C LEU B 140 22.96 6.33 -32.04
N GLY B 141 23.93 5.97 -31.18
CA GLY B 141 23.73 5.98 -29.73
C GLY B 141 24.58 7.05 -29.04
N LYS B 142 24.17 7.47 -27.84
CA LYS B 142 24.89 8.49 -27.10
C LYS B 142 26.26 7.95 -26.67
N ASN B 143 26.45 6.62 -26.81
CA ASN B 143 27.73 5.99 -26.56
C ASN B 143 27.71 4.55 -27.09
N THR B 144 28.86 3.88 -27.01
CA THR B 144 29.02 2.52 -27.51
C THR B 144 27.94 1.62 -26.92
N ASP B 145 27.63 1.85 -25.63
CA ASP B 145 26.65 1.08 -24.87
C ASP B 145 25.27 1.23 -25.52
N SER B 146 24.87 2.48 -25.77
CA SER B 146 23.55 2.76 -26.31
C SER B 146 23.46 2.32 -27.76
N ALA B 147 24.62 2.29 -28.43
CA ALA B 147 24.74 1.74 -29.77
C ALA B 147 24.32 0.27 -29.74
N PHE B 148 24.84 -0.45 -28.73
CA PHE B 148 24.61 -1.87 -28.53
C PHE B 148 23.11 -2.15 -28.39
N TYR B 149 22.41 -1.32 -27.60
CA TYR B 149 20.97 -1.50 -27.41
C TYR B 149 20.25 -1.40 -28.75
N GLY B 150 20.69 -0.45 -29.58
CA GLY B 150 20.14 -0.29 -30.92
C GLY B 150 20.32 -1.53 -31.78
N ILE B 151 21.51 -2.13 -31.71
CA ILE B 151 21.82 -3.33 -32.46
C ILE B 151 20.94 -4.48 -31.92
N THR B 152 20.67 -4.45 -30.61
CA THR B 152 19.86 -5.49 -29.98
C THR B 152 18.43 -5.43 -30.51
N SER B 153 17.93 -4.22 -30.78
CA SER B 153 16.63 -4.02 -31.39
C SER B 153 16.61 -4.66 -32.78
N LEU B 154 17.70 -4.49 -33.55
CA LEU B 154 17.85 -5.09 -34.86
C LEU B 154 17.72 -6.61 -34.75
N LYS B 155 18.49 -7.20 -33.83
CA LYS B 155 18.47 -8.63 -33.57
C LYS B 155 17.03 -9.10 -33.36
N ALA B 156 16.23 -8.32 -32.62
CA ALA B 156 14.83 -8.63 -32.38
C ALA B 156 14.05 -8.66 -33.70
N ILE B 157 14.36 -7.71 -34.60
CA ILE B 157 13.67 -7.59 -35.88
C ILE B 157 14.10 -8.74 -36.79
N PHE B 158 15.41 -8.98 -36.85
CA PHE B 158 16.00 -9.93 -37.77
C PHE B 158 15.53 -11.35 -37.47
N ASN B 159 15.42 -11.68 -36.18
CA ASN B 159 14.96 -12.99 -35.73
C ASN B 159 13.52 -13.22 -36.19
N GLN B 160 12.92 -12.20 -36.80
CA GLN B 160 11.48 -12.13 -36.96
C GLN B 160 11.10 -12.12 -38.45
N LEU B 161 12.07 -11.80 -39.31
CA LEU B 161 11.84 -11.62 -40.74
C LEU B 161 11.60 -12.97 -41.40
N GLU B 162 10.48 -13.07 -42.14
CA GLU B 162 10.09 -14.29 -42.83
C GLU B 162 11.04 -14.57 -43.99
N GLY B 163 11.28 -13.55 -44.82
CA GLY B 163 12.11 -13.68 -46.01
C GLY B 163 13.42 -12.92 -45.88
N ASN B 164 13.60 -11.89 -46.73
CA ASN B 164 14.74 -11.01 -46.64
C ASN B 164 14.32 -9.60 -47.07
N GLU B 165 13.01 -9.33 -47.00
CA GLU B 165 12.47 -7.99 -47.09
C GLU B 165 12.34 -7.43 -45.68
N LEU B 166 12.64 -6.13 -45.52
CA LEU B 166 12.69 -5.47 -44.23
C LEU B 166 12.02 -4.10 -44.37
N LYS B 167 11.05 -3.82 -43.48
CA LYS B 167 10.28 -2.58 -43.53
C LYS B 167 11.18 -1.39 -43.16
N GLU B 168 10.84 -0.21 -43.70
CA GLU B 168 11.54 1.03 -43.40
C GLU B 168 10.95 1.62 -42.14
N LEU B 169 11.80 1.90 -41.15
CA LEU B 169 11.32 2.33 -39.84
C LEU B 169 12.28 3.35 -39.22
N LEU B 170 11.81 4.03 -38.18
CA LEU B 170 12.64 4.90 -37.36
C LEU B 170 12.30 4.72 -35.88
N ILE B 171 13.25 4.12 -35.14
CA ILE B 171 13.14 3.92 -33.70
C ILE B 171 13.90 5.04 -32.98
N GLU B 172 13.18 5.80 -32.15
CA GLU B 172 13.79 6.77 -31.24
C GLU B 172 13.60 6.29 -29.81
N ASP B 173 14.57 5.52 -29.32
CA ASP B 173 14.44 4.75 -28.09
C ASP B 173 15.36 5.34 -27.01
N TYR B 174 14.88 5.26 -25.77
CA TYR B 174 15.68 5.55 -24.58
C TYR B 174 15.10 4.76 -23.41
N SER B 175 15.85 4.68 -22.32
CA SER B 175 15.40 4.01 -21.11
C SER B 175 14.91 5.04 -20.10
N ASP B 176 13.87 4.67 -19.36
CA ASP B 176 13.33 5.49 -18.27
C ASP B 176 14.19 5.31 -17.02
N GLY B 177 14.71 4.11 -16.81
CA GLY B 177 15.53 3.81 -15.65
C GLY B 177 17.00 3.60 -16.04
N GLN B 178 17.90 4.12 -15.21
CA GLN B 178 19.34 4.04 -15.43
C GLN B 178 19.80 2.59 -15.29
N TRP B 179 19.32 1.88 -14.24
CA TRP B 179 19.67 0.48 -14.06
C TRP B 179 18.48 -0.43 -14.32
N ARG B 180 18.76 -1.56 -14.97
CA ARG B 180 17.79 -2.59 -15.29
C ARG B 180 18.51 -3.92 -15.24
N GLY B 181 18.05 -4.82 -14.36
CA GLY B 181 18.72 -6.10 -14.24
C GLY B 181 18.17 -6.96 -13.11
N PHE B 182 19.07 -7.75 -12.51
CA PHE B 182 18.72 -8.77 -11.54
C PHE B 182 19.89 -8.99 -10.60
N ILE B 183 19.59 -9.55 -9.42
CA ILE B 183 20.52 -9.70 -8.32
C ILE B 183 20.31 -11.06 -7.70
N GLU B 184 21.39 -11.86 -7.64
CA GLU B 184 21.36 -13.10 -6.90
C GLU B 184 21.50 -12.77 -5.41
N GLY B 185 20.37 -12.46 -4.75
CA GLY B 185 20.38 -11.95 -3.39
C GLY B 185 19.38 -12.65 -2.48
N TYR B 186 19.10 -13.92 -2.76
CA TYR B 186 18.09 -14.68 -2.04
C TYR B 186 18.77 -15.68 -1.11
N TYR B 187 18.00 -16.26 -0.17
CA TYR B 187 18.48 -17.33 0.67
C TYR B 187 18.17 -18.67 0.00
N GLY B 188 19.21 -19.39 -0.43
CA GLY B 188 18.97 -20.70 -1.01
C GLY B 188 20.19 -21.26 -1.73
N ILE B 189 19.93 -22.20 -2.64
CA ILE B 189 20.98 -22.82 -3.45
C ILE B 189 21.44 -21.80 -4.48
N PRO B 190 22.76 -21.50 -4.54
CA PRO B 190 23.26 -20.51 -5.50
C PRO B 190 23.09 -21.04 -6.91
N TRP B 191 22.86 -20.13 -7.86
CA TRP B 191 22.83 -20.47 -9.27
C TRP B 191 24.17 -21.06 -9.67
N SER B 192 24.12 -22.07 -10.56
CA SER B 192 25.30 -22.59 -11.22
C SER B 192 25.89 -21.51 -12.13
N ASN B 193 27.16 -21.68 -12.50
CA ASN B 193 27.85 -20.72 -13.35
C ASN B 193 27.20 -20.69 -14.73
N GLU B 194 26.76 -21.87 -15.19
CA GLU B 194 26.14 -22.05 -16.49
C GLU B 194 24.85 -21.22 -16.55
N ASN B 195 24.03 -21.34 -15.50
CA ASN B 195 22.78 -20.61 -15.38
C ASN B 195 23.05 -19.11 -15.26
N ARG B 196 24.11 -18.74 -14.52
CA ARG B 196 24.46 -17.33 -14.37
C ARG B 196 24.71 -16.70 -15.72
N LYS B 197 25.50 -17.39 -16.56
CA LYS B 197 25.84 -16.91 -17.90
C LYS B 197 24.60 -16.87 -18.78
N ASP B 198 23.72 -17.88 -18.63
CA ASP B 198 22.50 -17.94 -19.42
C ASP B 198 21.57 -16.77 -19.09
N LEU B 199 21.51 -16.38 -17.81
CA LEU B 199 20.65 -15.27 -17.40
C LEU B 199 21.18 -13.95 -17.94
N MET B 200 22.51 -13.80 -17.99
CA MET B 200 23.10 -12.58 -18.53
C MET B 200 22.83 -12.53 -20.03
N LYS B 201 22.92 -13.70 -20.68
CA LYS B 201 22.66 -13.83 -22.10
C LYS B 201 21.24 -13.35 -22.39
N PHE B 202 20.30 -13.81 -21.55
CA PHE B 202 18.89 -13.51 -21.71
C PHE B 202 18.63 -12.03 -21.48
N GLY B 203 19.17 -11.50 -20.38
CA GLY B 203 19.00 -10.09 -20.05
C GLY B 203 19.51 -9.19 -21.17
N GLY B 204 20.66 -9.58 -21.74
CA GLY B 204 21.31 -8.89 -22.85
C GLY B 204 20.38 -8.74 -24.05
N ASP B 205 19.49 -9.72 -24.25
CA ASP B 205 18.57 -9.72 -25.36
C ASP B 205 17.45 -8.71 -25.15
N PHE B 206 17.30 -8.17 -23.93
CA PHE B 206 16.20 -7.25 -23.63
C PHE B 206 16.71 -5.95 -22.98
N LYS B 207 18.00 -5.68 -23.19
CA LYS B 207 18.62 -4.39 -22.93
C LYS B 207 18.84 -4.21 -21.42
N MET B 208 18.95 -5.33 -20.69
CA MET B 208 19.35 -5.29 -19.29
C MET B 208 20.86 -5.01 -19.21
N ASN B 209 21.28 -4.30 -18.15
CA ASN B 209 22.63 -3.78 -18.08
C ASN B 209 23.31 -4.15 -16.76
N SER B 210 22.64 -4.96 -15.91
CA SER B 210 23.09 -5.18 -14.55
C SER B 210 22.82 -6.62 -14.10
N TYR B 211 23.88 -7.29 -13.67
CA TYR B 211 23.76 -8.50 -12.88
C TYR B 211 24.56 -8.30 -11.60
N ILE B 212 23.84 -8.21 -10.48
CA ILE B 212 24.48 -7.96 -9.20
C ILE B 212 24.79 -9.31 -8.54
N PHE B 213 26.09 -9.59 -8.40
CA PHE B 213 26.57 -10.85 -7.86
C PHE B 213 26.69 -10.72 -6.35
N ALA B 214 25.72 -11.29 -5.63
CA ALA B 214 25.66 -11.18 -4.17
C ALA B 214 25.31 -12.51 -3.50
N PRO B 215 25.79 -13.69 -3.99
CA PRO B 215 25.40 -14.97 -3.40
C PRO B 215 25.92 -15.10 -1.97
N LYS B 216 25.05 -15.55 -1.06
CA LYS B 216 25.33 -15.49 0.36
C LYS B 216 26.36 -16.52 0.81
N ASP B 217 26.58 -17.56 -0.01
CA ASP B 217 27.48 -18.65 0.36
C ASP B 217 28.94 -18.24 0.17
N ASP B 218 29.18 -17.17 -0.62
CA ASP B 218 30.50 -16.76 -1.06
C ASP B 218 31.20 -15.99 0.07
N GLN B 219 32.16 -16.67 0.72
CA GLN B 219 32.88 -16.13 1.87
C GLN B 219 33.76 -14.96 1.43
N TYR B 220 34.10 -14.89 0.14
CA TYR B 220 35.14 -13.98 -0.32
C TYR B 220 34.62 -12.55 -0.40
N HIS B 221 33.29 -12.38 -0.31
CA HIS B 221 32.77 -11.03 -0.26
C HIS B 221 32.24 -10.68 1.13
N SER B 222 32.44 -11.59 2.09
CA SER B 222 31.88 -11.41 3.43
C SER B 222 32.91 -11.64 4.53
N LEU B 223 32.84 -12.81 5.18
CA LEU B 223 33.71 -13.11 6.31
C LEU B 223 35.17 -13.00 5.91
N LYS B 224 35.49 -13.45 4.68
CA LYS B 224 36.84 -13.49 4.19
C LYS B 224 37.07 -12.40 3.14
N TRP B 225 36.47 -11.21 3.31
CA TRP B 225 36.54 -10.17 2.29
C TRP B 225 37.97 -9.66 2.09
N ARG B 226 38.82 -9.85 3.11
CA ARG B 226 40.20 -9.39 3.04
C ARG B 226 41.05 -10.32 2.18
N GLU B 227 40.79 -11.63 2.30
CA GLU B 227 41.54 -12.63 1.55
C GLU B 227 41.20 -12.52 0.07
N PRO B 228 42.19 -12.42 -0.85
CA PRO B 228 41.90 -12.47 -2.29
C PRO B 228 41.32 -13.82 -2.71
N TYR B 229 40.44 -13.80 -3.73
CA TYR B 229 39.87 -15.02 -4.29
C TYR B 229 41.00 -15.97 -4.68
N PRO B 230 40.91 -17.28 -4.33
CA PRO B 230 41.80 -18.29 -4.90
C PRO B 230 41.65 -18.29 -6.42
N ALA B 231 42.67 -18.78 -7.12
CA ALA B 231 42.85 -18.54 -8.55
C ALA B 231 41.75 -19.17 -9.38
N GLU B 232 41.35 -20.41 -9.02
CA GLU B 232 40.38 -21.17 -9.81
C GLU B 232 38.99 -20.57 -9.62
N LYS B 233 38.67 -20.14 -8.38
CA LYS B 233 37.44 -19.40 -8.13
C LYS B 233 37.43 -18.14 -8.99
N LEU B 234 38.59 -17.47 -9.10
CA LEU B 234 38.69 -16.19 -9.80
C LEU B 234 38.58 -16.40 -11.32
N ALA B 235 38.96 -17.58 -11.80
CA ALA B 235 38.87 -17.88 -13.23
C ALA B 235 37.41 -18.07 -13.63
N GLU B 236 36.62 -18.67 -12.73
CA GLU B 236 35.19 -18.86 -12.96
C GLU B 236 34.50 -17.51 -13.01
N ILE B 237 34.93 -16.59 -12.13
CA ILE B 237 34.42 -15.23 -12.14
C ILE B 237 34.76 -14.58 -13.48
N LYS B 238 36.01 -14.77 -13.95
CA LYS B 238 36.48 -14.16 -15.18
C LYS B 238 35.60 -14.59 -16.36
N GLU B 239 35.29 -15.89 -16.41
CA GLU B 239 34.44 -16.41 -17.48
C GLU B 239 33.11 -15.65 -17.50
N MET B 240 32.48 -15.54 -16.32
CA MET B 240 31.18 -14.88 -16.20
C MET B 240 31.29 -13.40 -16.56
N VAL B 241 32.40 -12.76 -16.16
CA VAL B 241 32.59 -11.34 -16.41
C VAL B 241 32.64 -11.09 -17.92
N ASP B 242 33.24 -12.03 -18.66
CA ASP B 242 33.38 -11.93 -20.10
C ASP B 242 32.03 -12.01 -20.79
N VAL B 243 31.17 -12.90 -20.28
CA VAL B 243 29.79 -13.01 -20.76
C VAL B 243 29.08 -11.69 -20.49
N GLY B 244 29.36 -11.10 -19.31
CA GLY B 244 28.86 -9.79 -18.95
C GLY B 244 29.30 -8.71 -19.94
N ILE B 245 30.58 -8.73 -20.33
CA ILE B 245 31.11 -7.75 -21.28
C ILE B 245 30.48 -7.97 -22.65
N ALA B 246 30.29 -9.24 -23.03
CA ALA B 246 29.79 -9.61 -24.34
C ALA B 246 28.33 -9.20 -24.53
N THR B 247 27.51 -9.41 -23.49
CA THR B 247 26.07 -9.20 -23.58
C THR B 247 25.70 -7.80 -23.13
N LYS B 248 26.63 -7.16 -22.40
CA LYS B 248 26.52 -5.81 -21.85
C LYS B 248 25.58 -5.76 -20.64
N ASN B 249 25.16 -6.94 -20.19
CA ASN B 249 24.51 -7.19 -18.91
C ASN B 249 25.63 -7.38 -17.88
N LYS B 250 26.16 -6.26 -17.38
CA LYS B 250 27.46 -6.25 -16.72
C LYS B 250 27.42 -7.01 -15.40
N PHE B 251 28.55 -7.64 -15.09
CA PHE B 251 28.70 -8.41 -13.87
C PHE B 251 29.18 -7.47 -12.77
N ILE B 252 28.30 -7.17 -11.81
CA ILE B 252 28.61 -6.28 -10.72
C ILE B 252 28.97 -7.10 -9.50
N TRP B 253 30.16 -6.82 -8.94
CA TRP B 253 30.63 -7.53 -7.77
C TRP B 253 30.33 -6.72 -6.51
N THR B 254 30.09 -7.40 -5.39
CA THR B 254 29.63 -6.77 -4.16
C THR B 254 30.40 -7.30 -2.95
N ILE B 255 30.40 -6.51 -1.87
CA ILE B 255 31.17 -6.82 -0.68
C ILE B 255 30.36 -6.44 0.57
N HIS B 256 30.58 -7.16 1.68
CA HIS B 256 30.01 -6.85 2.97
C HIS B 256 31.14 -6.47 3.93
N PRO B 257 31.60 -5.20 3.94
CA PRO B 257 32.74 -4.83 4.78
C PRO B 257 32.46 -4.39 6.22
N PHE B 258 31.19 -4.43 6.65
CA PHE B 258 30.81 -3.81 7.91
C PHE B 258 30.33 -4.84 8.94
N LEU B 259 30.80 -6.09 8.84
CA LEU B 259 30.41 -7.09 9.82
C LEU B 259 31.20 -6.88 11.11
N LYS B 260 31.07 -7.81 12.06
CA LYS B 260 31.70 -7.73 13.37
C LYS B 260 33.21 -7.57 13.20
N ASP B 261 33.80 -8.38 12.32
CA ASP B 261 35.23 -8.35 12.09
C ASP B 261 35.53 -7.57 10.81
N GLY B 262 34.58 -6.70 10.44
CA GLY B 262 34.69 -5.88 9.25
C GLY B 262 35.68 -4.73 9.44
N MET B 263 35.62 -3.79 8.50
CA MET B 263 36.42 -2.57 8.48
C MET B 263 36.60 -2.06 9.90
N ASN B 264 37.87 -1.85 10.31
CA ASN B 264 38.15 -1.43 11.67
C ASN B 264 38.37 0.09 11.72
N PHE B 265 37.45 0.79 12.39
CA PHE B 265 37.39 2.24 12.37
C PHE B 265 37.92 2.83 13.68
N GLY B 266 38.61 2.01 14.48
CA GLY B 266 39.10 2.40 15.80
C GLY B 266 40.12 3.53 15.78
N SER B 267 40.94 3.59 14.71
CA SER B 267 41.97 4.61 14.56
C SER B 267 42.21 4.86 13.09
N GLU B 268 42.88 5.98 12.78
CA GLU B 268 43.33 6.26 11.43
C GLU B 268 44.23 5.13 10.93
N GLU B 269 45.07 4.62 11.82
CA GLU B 269 46.03 3.58 11.49
C GLU B 269 45.30 2.30 11.07
N SER B 270 44.35 1.85 11.91
CA SER B 270 43.62 0.62 11.67
C SER B 270 42.79 0.74 10.41
N TYR B 271 42.21 1.93 10.20
CA TYR B 271 41.31 2.16 9.08
C TYR B 271 42.09 2.10 7.77
N LYS B 272 43.22 2.82 7.72
CA LYS B 272 44.06 2.92 6.54
C LYS B 272 44.50 1.52 6.10
N ALA B 273 44.85 0.67 7.07
CA ALA B 273 45.26 -0.70 6.81
C ALA B 273 44.11 -1.48 6.14
N ASP B 274 42.88 -1.30 6.65
CA ASP B 274 41.73 -2.00 6.10
C ASP B 274 41.33 -1.41 4.75
N LEU B 275 41.44 -0.08 4.62
CA LEU B 275 41.10 0.58 3.36
C LEU B 275 42.00 0.05 2.24
N GLU B 276 43.23 -0.34 2.59
CA GLU B 276 44.19 -0.87 1.64
C GLU B 276 43.76 -2.25 1.18
N LYS B 277 43.20 -3.04 2.11
CA LYS B 277 42.82 -4.40 1.85
C LYS B 277 41.57 -4.47 0.98
N ILE B 278 40.63 -3.53 1.19
CA ILE B 278 39.40 -3.52 0.39
C ILE B 278 39.72 -3.06 -1.04
N ILE B 279 40.66 -2.11 -1.16
CA ILE B 279 41.03 -1.62 -2.48
C ILE B 279 41.77 -2.74 -3.22
N ALA B 280 42.68 -3.44 -2.52
CA ALA B 280 43.35 -4.62 -3.04
C ALA B 280 42.33 -5.61 -3.61
N LYS B 281 41.29 -5.92 -2.82
CA LYS B 281 40.28 -6.89 -3.21
C LYS B 281 39.55 -6.41 -4.46
N PHE B 282 39.20 -5.11 -4.47
CA PHE B 282 38.54 -4.53 -5.63
C PHE B 282 39.42 -4.65 -6.86
N GLU B 283 40.74 -4.49 -6.65
CA GLU B 283 41.73 -4.49 -7.72
C GLU B 283 41.81 -5.87 -8.36
N GLN B 284 41.74 -6.93 -7.54
CA GLN B 284 41.74 -8.29 -8.05
C GLN B 284 40.57 -8.49 -9.01
N LEU B 285 39.38 -8.02 -8.60
CA LEU B 285 38.18 -8.16 -9.41
C LEU B 285 38.27 -7.26 -10.64
N TYR B 286 38.92 -6.11 -10.49
CA TYR B 286 39.11 -5.18 -11.60
C TYR B 286 39.99 -5.83 -12.67
N SER B 287 40.93 -6.67 -12.23
CA SER B 287 41.95 -7.23 -13.10
C SER B 287 41.36 -8.33 -13.98
N VAL B 288 40.19 -8.85 -13.60
CA VAL B 288 39.51 -9.86 -14.41
C VAL B 288 38.31 -9.24 -15.14
N GLY B 289 38.18 -7.90 -15.06
CA GLY B 289 37.32 -7.17 -15.98
C GLY B 289 36.09 -6.52 -15.34
N VAL B 290 35.91 -6.65 -14.02
CA VAL B 290 34.76 -6.05 -13.36
C VAL B 290 34.89 -4.52 -13.41
N ARG B 291 33.80 -3.84 -13.76
CA ARG B 291 33.85 -2.40 -13.96
C ARG B 291 32.78 -1.68 -13.16
N GLN B 292 32.21 -2.35 -12.16
CA GLN B 292 31.17 -1.79 -11.29
C GLN B 292 31.00 -2.65 -10.04
N PHE B 293 30.79 -1.97 -8.90
CA PHE B 293 30.86 -2.61 -7.59
C PHE B 293 29.68 -2.19 -6.71
N GLY B 294 29.30 -3.07 -5.79
CA GLY B 294 28.29 -2.77 -4.78
C GLY B 294 28.82 -2.98 -3.37
N VAL B 295 28.49 -2.04 -2.47
CA VAL B 295 28.81 -2.17 -1.06
C VAL B 295 27.50 -2.44 -0.32
N LEU B 296 27.46 -3.56 0.41
CA LEU B 296 26.23 -4.00 1.07
C LEU B 296 26.33 -3.78 2.58
N ALA B 297 25.39 -3.00 3.12
CA ALA B 297 25.45 -2.61 4.51
C ALA B 297 24.21 -3.06 5.26
N ASP B 298 23.46 -4.01 4.68
CA ASP B 298 22.20 -4.44 5.25
C ASP B 298 22.43 -5.17 6.57
N ASP B 299 23.64 -5.71 6.75
CA ASP B 299 23.99 -6.47 7.94
C ASP B 299 25.07 -5.71 8.74
N ALA B 300 25.18 -4.40 8.47
CA ALA B 300 26.28 -3.59 8.99
C ALA B 300 26.16 -3.42 10.50
N GLU B 301 27.31 -3.18 11.14
CA GLU B 301 27.43 -3.20 12.59
C GLU B 301 27.44 -1.77 13.16
N GLY B 302 28.51 -1.03 12.90
CA GLY B 302 28.78 0.23 13.60
C GLY B 302 27.91 1.40 13.16
N GLU B 303 28.48 2.60 13.23
CA GLU B 303 27.75 3.85 12.99
C GLU B 303 27.69 4.14 11.49
N ALA B 304 26.75 4.99 11.08
CA ALA B 304 26.53 5.34 9.69
C ALA B 304 27.59 6.31 9.18
N ASN B 305 28.22 7.07 10.08
CA ASN B 305 29.25 8.03 9.72
C ASN B 305 30.44 7.32 9.05
N ASN B 306 30.72 6.10 9.51
CA ASN B 306 31.83 5.30 9.02
C ASN B 306 31.52 4.77 7.62
N GLN B 307 30.26 4.40 7.39
CA GLN B 307 29.86 3.93 6.08
C GLN B 307 30.09 5.03 5.04
N VAL B 308 29.82 6.29 5.44
CA VAL B 308 29.99 7.45 4.57
C VAL B 308 31.49 7.66 4.30
N LYS B 309 32.31 7.44 5.33
CA LYS B 309 33.75 7.61 5.24
C LYS B 309 34.33 6.68 4.18
N LEU B 310 33.97 5.39 4.25
CA LEU B 310 34.46 4.41 3.30
C LEU B 310 34.01 4.76 1.87
N MET B 311 32.74 5.15 1.71
CA MET B 311 32.23 5.43 0.37
C MET B 311 32.96 6.62 -0.24
N GLU B 312 33.35 7.60 0.61
CA GLU B 312 34.09 8.75 0.14
C GLU B 312 35.46 8.30 -0.37
N ASP B 313 36.08 7.34 0.34
CA ASP B 313 37.40 6.85 -0.03
C ASP B 313 37.34 6.00 -1.29
N LEU B 314 36.25 5.22 -1.45
CA LEU B 314 36.12 4.33 -2.60
C LEU B 314 35.79 5.14 -3.84
N GLU B 315 35.15 6.29 -3.64
CA GLU B 315 34.79 7.17 -4.74
C GLU B 315 36.07 7.80 -5.29
N LYS B 316 37.07 8.02 -4.43
CA LYS B 316 38.36 8.52 -4.87
C LYS B 316 39.02 7.50 -5.80
N TRP B 317 39.07 6.23 -5.35
CA TRP B 317 39.63 5.13 -6.11
C TRP B 317 38.94 4.98 -7.46
N ARG B 318 37.61 5.11 -7.46
CA ARG B 318 36.79 4.86 -8.62
C ARG B 318 37.14 5.86 -9.71
N LEU B 319 37.29 7.14 -9.32
CA LEU B 319 37.51 8.22 -10.27
C LEU B 319 38.93 8.12 -10.85
N GLN B 320 39.88 7.62 -10.05
CA GLN B 320 41.24 7.41 -10.51
C GLN B 320 41.28 6.39 -11.65
N LYS B 321 40.40 5.39 -11.60
CA LYS B 321 40.40 4.29 -12.56
C LYS B 321 39.82 4.74 -13.90
N GLY B 322 38.95 5.76 -13.89
CA GLY B 322 38.44 6.36 -15.11
C GLY B 322 37.28 5.61 -15.75
N ASP B 323 37.35 4.27 -15.79
CA ASP B 323 36.39 3.47 -16.53
C ASP B 323 35.55 2.59 -15.59
N VAL B 324 35.38 3.01 -14.33
CA VAL B 324 34.57 2.26 -13.39
C VAL B 324 33.27 3.03 -13.12
N TYR B 325 32.15 2.38 -13.42
CA TYR B 325 30.81 2.94 -13.23
C TYR B 325 30.56 3.18 -11.74
N GLU B 326 29.49 3.92 -11.43
CA GLU B 326 29.26 4.40 -10.08
C GLU B 326 28.82 3.25 -9.19
N PHE B 327 29.03 3.43 -7.88
CA PHE B 327 28.78 2.41 -6.88
C PHE B 327 27.30 2.28 -6.56
N ILE B 328 26.89 1.02 -6.35
CA ILE B 328 25.63 0.68 -5.72
C ILE B 328 25.89 0.57 -4.21
N PHE B 329 24.96 1.11 -3.41
CA PHE B 329 25.01 0.96 -1.97
C PHE B 329 23.67 0.43 -1.46
N VAL B 330 23.71 -0.67 -0.69
CA VAL B 330 22.53 -1.21 -0.03
C VAL B 330 22.58 -0.80 1.44
N PRO B 331 21.63 0.03 1.92
CA PRO B 331 21.69 0.57 3.29
C PRO B 331 21.17 -0.41 4.33
N LYS B 332 21.55 -0.15 5.61
CA LYS B 332 21.07 -0.97 6.72
C LYS B 332 19.56 -0.83 6.85
N VAL B 333 19.08 0.42 6.66
CA VAL B 333 17.66 0.71 6.66
C VAL B 333 17.23 0.79 5.20
N TYR B 334 16.53 -0.25 4.73
CA TYR B 334 16.21 -0.36 3.32
C TYR B 334 14.71 -0.47 3.09
N THR B 335 13.90 -0.26 4.14
CA THR B 335 12.46 -0.20 4.01
C THR B 335 11.93 0.96 4.85
N LYS B 336 10.72 1.43 4.49
CA LYS B 336 10.07 2.52 5.21
C LYS B 336 9.72 2.06 6.62
N GLU B 337 9.37 0.78 6.76
CA GLU B 337 9.02 0.23 8.05
C GLU B 337 10.23 0.28 8.98
N SER B 338 11.41 -0.12 8.49
CA SER B 338 12.56 -0.15 9.36
C SER B 338 13.14 1.26 9.56
N ALA B 339 12.65 2.22 8.78
CA ALA B 339 12.98 3.63 8.95
C ALA B 339 12.10 4.26 10.04
N GLY B 340 11.16 3.46 10.56
CA GLY B 340 10.17 3.92 11.53
C GLY B 340 9.20 4.92 10.90
N GLY B 341 9.15 4.97 9.57
CA GLY B 341 8.35 5.93 8.82
C GLY B 341 8.85 7.36 8.99
N ASP B 342 10.10 7.51 9.46
CA ASP B 342 10.64 8.80 9.86
C ASP B 342 11.35 9.45 8.67
N VAL B 343 10.78 10.56 8.16
CA VAL B 343 11.43 11.31 7.08
C VAL B 343 12.69 11.97 7.61
N ASN B 344 12.87 12.00 8.94
CA ASN B 344 14.04 12.58 9.56
C ASN B 344 14.92 11.50 10.19
N ASN B 345 14.73 10.23 9.77
CA ASN B 345 15.56 9.11 10.20
C ASN B 345 17.04 9.50 10.17
N GLU B 346 17.73 9.34 11.32
CA GLU B 346 19.11 9.77 11.48
C GLU B 346 20.01 9.01 10.52
N TYR B 347 19.79 7.69 10.41
CA TYR B 347 20.66 6.85 9.62
C TYR B 347 20.57 7.25 8.14
N LEU B 348 19.34 7.39 7.63
CA LEU B 348 19.13 7.68 6.22
C LEU B 348 19.67 9.07 5.87
N LYS B 349 19.52 10.02 6.80
CA LYS B 349 20.03 11.36 6.62
C LYS B 349 21.56 11.34 6.46
N THR B 350 22.23 10.54 7.29
CA THR B 350 23.68 10.43 7.25
C THR B 350 24.11 9.81 5.92
N ILE B 351 23.53 8.67 5.54
CA ILE B 351 24.06 7.96 4.38
C ILE B 351 23.78 8.76 3.11
N GLY B 352 22.83 9.72 3.17
CA GLY B 352 22.52 10.57 2.04
C GLY B 352 23.58 11.66 1.85
N THR B 353 24.55 11.72 2.76
CA THR B 353 25.63 12.69 2.65
C THR B 353 26.83 12.08 1.93
N MET B 354 26.73 10.79 1.57
CA MET B 354 27.80 10.17 0.80
C MET B 354 27.77 10.73 -0.62
N PRO B 355 28.85 10.59 -1.42
CA PRO B 355 28.92 11.19 -2.76
C PRO B 355 27.64 11.02 -3.58
N GLU B 356 27.23 12.10 -4.25
CA GLU B 356 25.96 12.20 -4.95
C GLU B 356 25.85 11.18 -6.08
N THR B 357 26.97 10.57 -6.46
CA THR B 357 27.01 9.66 -7.60
C THR B 357 26.58 8.25 -7.20
N ILE B 358 26.55 7.96 -5.90
CA ILE B 358 26.29 6.61 -5.42
C ILE B 358 24.78 6.33 -5.46
N ASP B 359 24.42 5.14 -5.98
CA ASP B 359 23.04 4.72 -6.10
C ASP B 359 22.65 3.84 -4.93
N ILE B 360 21.76 4.38 -4.08
CA ILE B 360 21.33 3.76 -2.84
C ILE B 360 20.04 2.96 -3.11
N MET B 361 19.98 1.75 -2.57
CA MET B 361 18.91 0.80 -2.88
C MET B 361 17.80 0.86 -1.83
N TRP B 362 16.64 0.29 -2.18
CA TRP B 362 15.40 0.38 -1.42
C TRP B 362 14.47 -0.76 -1.86
N THR B 363 13.77 -1.38 -0.90
CA THR B 363 12.86 -2.46 -1.28
C THR B 363 11.41 -2.00 -1.21
N GLY B 364 11.19 -0.72 -0.88
CA GLY B 364 9.83 -0.18 -0.75
C GLY B 364 9.43 0.01 0.71
N ASP B 365 8.12 -0.10 0.98
CA ASP B 365 7.54 0.18 2.28
C ASP B 365 7.94 -0.91 3.29
N VAL B 366 8.11 -2.13 2.77
CA VAL B 366 8.33 -3.34 3.54
C VAL B 366 9.30 -4.21 2.74
N ILE B 367 9.64 -5.39 3.25
CA ILE B 367 10.65 -6.22 2.60
C ILE B 367 10.16 -6.68 1.23
N LEU B 368 8.90 -7.13 1.14
CA LEU B 368 8.36 -7.43 -0.17
C LEU B 368 7.48 -6.27 -0.63
N GLY B 369 8.12 -5.13 -0.92
CA GLY B 369 7.41 -3.91 -1.24
C GLY B 369 6.99 -3.88 -2.70
N TYR B 370 5.85 -3.24 -2.98
CA TYR B 370 5.44 -2.94 -4.34
C TYR B 370 6.12 -1.66 -4.79
N VAL B 371 6.25 -1.49 -6.11
CA VAL B 371 6.65 -0.21 -6.68
C VAL B 371 5.49 0.76 -6.53
N THR B 372 5.65 1.77 -5.67
CA THR B 372 4.67 2.84 -5.55
C THR B 372 5.36 4.20 -5.52
N GLN B 373 4.64 5.23 -5.95
CA GLN B 373 5.13 6.60 -5.91
C GLN B 373 5.48 6.96 -4.48
N GLU B 374 4.67 6.50 -3.52
CA GLU B 374 4.77 6.93 -2.14
C GLU B 374 6.08 6.48 -1.49
N THR B 375 6.52 5.22 -1.70
CA THR B 375 7.78 4.81 -1.08
C THR B 375 8.95 5.64 -1.62
N PHE B 376 8.90 5.92 -2.93
CA PHE B 376 9.97 6.66 -3.58
C PHE B 376 10.02 8.10 -3.09
N GLU B 377 8.84 8.66 -2.80
CA GLU B 377 8.73 9.99 -2.23
C GLU B 377 9.33 10.00 -0.83
N PHE B 378 9.03 8.93 -0.06
CA PHE B 378 9.53 8.80 1.29
C PHE B 378 11.06 8.73 1.25
N PHE B 379 11.58 7.88 0.37
CA PHE B 379 13.02 7.68 0.24
C PHE B 379 13.72 8.99 -0.10
N GLU B 380 13.15 9.75 -1.04
CA GLU B 380 13.77 10.96 -1.55
C GLU B 380 13.76 12.04 -0.48
N GLU B 381 12.69 12.05 0.32
CA GLU B 381 12.51 13.01 1.40
C GLU B 381 13.54 12.75 2.51
N ALA B 382 13.89 11.48 2.71
CA ALA B 382 14.70 11.11 3.87
C ALA B 382 16.18 11.02 3.49
N VAL B 383 16.46 10.68 2.23
CA VAL B 383 17.84 10.43 1.82
C VAL B 383 18.37 11.63 1.04
N GLY B 384 17.52 12.26 0.23
CA GLY B 384 17.92 13.45 -0.51
C GLY B 384 18.15 13.20 -2.00
N ARG B 385 17.99 11.95 -2.44
CA ARG B 385 18.11 11.56 -3.84
C ARG B 385 17.07 10.46 -4.14
N GLN B 386 16.97 10.07 -5.41
CA GLN B 386 16.00 9.07 -5.82
C GLN B 386 16.54 7.66 -5.57
N ALA B 387 15.62 6.71 -5.43
CA ALA B 387 15.97 5.36 -5.03
C ALA B 387 16.26 4.49 -6.24
N PHE B 388 17.03 3.43 -5.99
CA PHE B 388 17.25 2.30 -6.88
C PHE B 388 16.54 1.11 -6.26
N MET B 389 15.56 0.55 -6.98
CA MET B 389 14.63 -0.44 -6.45
C MET B 389 15.25 -1.83 -6.45
N TRP B 390 15.31 -2.43 -5.26
CA TRP B 390 15.49 -3.87 -5.09
C TRP B 390 14.11 -4.49 -4.93
N LEU B 391 13.63 -5.15 -5.98
CA LEU B 391 12.31 -5.74 -5.97
C LEU B 391 12.38 -7.20 -5.53
N ASN B 392 11.74 -7.52 -4.40
CA ASN B 392 11.74 -8.86 -3.84
C ASN B 392 10.64 -9.71 -4.48
N TRP B 393 10.72 -9.87 -5.81
CA TRP B 393 9.93 -10.80 -6.59
C TRP B 393 10.73 -11.13 -7.85
N PRO B 394 10.72 -12.39 -8.33
CA PRO B 394 9.94 -13.47 -7.73
C PRO B 394 10.68 -14.41 -6.77
N VAL B 395 11.61 -13.87 -5.98
CA VAL B 395 12.28 -14.62 -4.94
C VAL B 395 11.28 -15.51 -4.21
N ASN B 396 11.56 -16.81 -4.17
CA ASN B 396 10.67 -17.74 -3.50
C ASN B 396 11.29 -18.31 -2.23
N ASP B 397 12.29 -17.61 -1.68
CA ASP B 397 12.83 -18.06 -0.39
C ASP B 397 11.76 -17.88 0.69
N ILE B 398 10.65 -17.23 0.33
CA ILE B 398 9.55 -16.95 1.25
C ILE B 398 8.60 -18.15 1.26
N ASN B 399 8.65 -18.97 0.21
CA ASN B 399 7.87 -20.18 0.09
C ASN B 399 8.47 -21.05 -1.01
N ASN B 400 9.32 -21.98 -0.58
CA ASN B 400 10.14 -22.76 -1.49
C ASN B 400 9.29 -23.76 -2.28
N LYS B 401 8.04 -23.93 -1.85
CA LYS B 401 7.13 -24.88 -2.48
C LYS B 401 6.54 -24.27 -3.76
N ARG B 402 6.86 -23.00 -4.06
CA ARG B 402 6.25 -22.26 -5.14
C ARG B 402 7.24 -21.93 -6.25
N LEU B 403 6.76 -21.96 -7.50
CA LEU B 403 7.37 -21.23 -8.59
C LEU B 403 6.54 -19.98 -8.81
N LEU B 404 7.20 -18.83 -8.95
CA LEU B 404 6.48 -17.58 -9.16
C LEU B 404 6.76 -17.07 -10.58
N MET B 405 5.87 -17.46 -11.50
CA MET B 405 6.04 -17.17 -12.91
C MET B 405 4.86 -16.36 -13.43
N GLY B 406 4.28 -15.51 -12.56
CA GLY B 406 3.13 -14.70 -12.91
C GLY B 406 3.53 -13.41 -13.62
N LYS B 407 2.52 -12.60 -13.96
CA LYS B 407 2.74 -11.29 -14.56
C LYS B 407 3.33 -10.35 -13.52
N GLY B 408 3.73 -9.15 -13.97
CA GLY B 408 4.34 -8.15 -13.12
C GLY B 408 3.29 -7.28 -12.41
N GLU B 409 2.57 -7.88 -11.46
CA GLU B 409 1.54 -7.20 -10.69
C GLU B 409 2.14 -6.09 -9.82
N MET B 410 3.41 -6.24 -9.43
CA MET B 410 4.01 -5.34 -8.47
C MET B 410 4.62 -4.10 -9.13
N LEU B 411 4.51 -3.98 -10.46
CA LEU B 411 5.13 -2.88 -11.20
C LEU B 411 4.07 -1.90 -11.68
N ASP B 412 4.16 -0.66 -11.22
CA ASP B 412 3.16 0.35 -11.52
C ASP B 412 3.63 1.20 -12.68
N PRO B 413 2.88 1.24 -13.82
CA PRO B 413 3.29 2.02 -14.99
C PRO B 413 3.37 3.54 -14.80
N THR B 414 2.80 4.04 -13.70
CA THR B 414 2.62 5.48 -13.56
C THR B 414 3.69 6.10 -12.64
N VAL B 415 4.67 5.31 -12.20
CA VAL B 415 5.64 5.77 -11.21
C VAL B 415 6.87 6.32 -11.94
N THR B 416 7.37 7.48 -11.48
CA THR B 416 8.39 8.20 -12.22
C THR B 416 9.62 8.50 -11.37
N ASN B 417 9.51 8.38 -10.05
CA ASN B 417 10.47 9.07 -9.19
C ASN B 417 11.57 8.12 -8.68
N PHE B 418 12.14 7.30 -9.57
CA PHE B 418 13.16 6.35 -9.18
C PHE B 418 14.16 6.10 -10.32
N LYS B 419 15.33 5.58 -9.96
CA LYS B 419 16.50 5.50 -10.82
C LYS B 419 16.54 4.19 -11.60
N GLY B 420 15.73 3.21 -11.18
CA GLY B 420 15.72 1.92 -11.84
C GLY B 420 15.39 0.79 -10.88
N ILE B 421 15.51 -0.44 -11.38
CA ILE B 421 14.93 -1.59 -10.71
C ILE B 421 15.72 -2.83 -11.10
N VAL B 422 16.08 -3.64 -10.10
CA VAL B 422 16.55 -4.99 -10.33
C VAL B 422 15.58 -5.97 -9.65
N THR B 423 15.55 -7.20 -10.15
CA THR B 423 14.69 -8.24 -9.59
C THR B 423 15.53 -9.27 -8.85
N ASN B 424 15.06 -9.64 -7.66
CA ASN B 424 15.66 -10.69 -6.85
C ASN B 424 14.86 -11.96 -7.13
N PRO B 425 15.35 -12.88 -7.99
CA PRO B 425 14.58 -14.04 -8.45
C PRO B 425 14.71 -15.31 -7.63
N MET B 426 14.16 -16.41 -8.15
CA MET B 426 14.09 -17.70 -7.45
C MET B 426 15.45 -18.39 -7.52
N GLN B 427 15.64 -19.40 -6.68
CA GLN B 427 16.82 -20.25 -6.82
C GLN B 427 16.67 -21.13 -8.05
N GLU B 428 15.47 -21.09 -8.66
CA GLU B 428 15.21 -21.72 -9.94
C GLU B 428 15.46 -20.70 -11.05
N ALA B 429 16.66 -20.77 -11.66
CA ALA B 429 17.17 -19.70 -12.50
C ALA B 429 16.39 -19.60 -13.81
N GLN B 430 16.16 -20.75 -14.46
CA GLN B 430 15.53 -20.76 -15.77
C GLN B 430 14.10 -20.23 -15.66
N ALA B 431 13.39 -20.64 -14.60
CA ALA B 431 12.00 -20.23 -14.41
C ALA B 431 11.91 -18.74 -14.10
N SER B 432 13.04 -18.14 -13.68
CA SER B 432 13.10 -16.74 -13.29
C SER B 432 13.06 -15.83 -14.52
N LYS B 433 13.11 -16.44 -15.70
CA LYS B 433 13.21 -15.69 -16.94
C LYS B 433 11.92 -14.92 -17.19
N VAL B 434 10.80 -15.44 -16.67
CA VAL B 434 9.52 -14.76 -16.82
C VAL B 434 9.61 -13.38 -16.17
N ALA B 435 10.28 -13.31 -15.01
CA ALA B 435 10.38 -12.08 -14.25
C ALA B 435 11.39 -11.12 -14.88
N LEU B 436 12.52 -11.66 -15.35
CA LEU B 436 13.55 -10.83 -15.96
C LEU B 436 12.93 -10.08 -17.14
N PHE B 437 12.15 -10.82 -17.93
CA PHE B 437 11.48 -10.24 -19.08
C PHE B 437 10.64 -9.04 -18.65
N ALA B 438 9.83 -9.22 -17.59
CA ALA B 438 8.93 -8.17 -17.10
C ALA B 438 9.72 -6.95 -16.65
N ILE B 439 10.78 -7.18 -15.84
CA ILE B 439 11.62 -6.12 -15.29
C ILE B 439 12.35 -5.42 -16.43
N ALA B 440 12.89 -6.22 -17.37
CA ALA B 440 13.58 -5.69 -18.53
C ALA B 440 12.65 -4.74 -19.27
N ASP B 441 11.43 -5.22 -19.56
CA ASP B 441 10.47 -4.42 -20.31
C ASP B 441 10.09 -3.17 -19.53
N TYR B 442 9.61 -3.36 -18.29
CA TYR B 442 9.15 -2.29 -17.43
C TYR B 442 10.28 -1.31 -17.09
N GLY B 443 11.47 -1.86 -16.82
CA GLY B 443 12.62 -1.03 -16.45
C GLY B 443 13.00 -0.05 -17.57
N TRP B 444 12.67 -0.44 -18.82
CA TRP B 444 13.06 0.33 -19.98
C TRP B 444 11.97 1.35 -20.34
N ASN B 445 10.72 0.87 -20.39
CA ASN B 445 9.58 1.70 -20.72
C ASN B 445 8.50 1.46 -19.67
N ARG B 446 8.29 2.46 -18.80
CA ARG B 446 7.39 2.34 -17.66
C ARG B 446 5.95 2.52 -18.11
N ALA B 447 5.68 3.66 -18.75
CA ALA B 447 4.33 4.09 -19.07
C ALA B 447 3.61 3.10 -19.99
N ASP B 448 4.36 2.47 -20.91
CA ASP B 448 3.77 1.58 -21.90
C ASP B 448 3.88 0.12 -21.46
N PHE B 449 4.13 -0.11 -20.17
CA PHE B 449 4.24 -1.47 -19.67
C PHE B 449 2.84 -2.09 -19.53
N ASP B 450 2.52 -3.01 -20.45
CA ASP B 450 1.26 -3.72 -20.42
C ASP B 450 1.48 -5.06 -19.73
N MET B 451 1.16 -5.08 -18.44
CA MET B 451 1.27 -6.23 -17.55
C MET B 451 0.89 -7.53 -18.25
N ASP B 452 -0.37 -7.62 -18.71
CA ASP B 452 -0.97 -8.87 -19.18
C ASP B 452 -0.33 -9.31 -20.50
N LYS B 453 -0.15 -8.36 -21.42
CA LYS B 453 0.35 -8.65 -22.76
C LYS B 453 1.83 -9.03 -22.71
N SER B 454 2.63 -8.20 -22.03
CA SER B 454 4.05 -8.43 -21.87
C SER B 454 4.31 -9.82 -21.28
N TRP B 455 3.49 -10.22 -20.30
CA TRP B 455 3.63 -11.52 -19.67
C TRP B 455 3.42 -12.62 -20.70
N LYS B 456 2.28 -12.58 -21.40
CA LYS B 456 1.91 -13.59 -22.37
C LYS B 456 2.95 -13.66 -23.49
N ASP B 457 3.38 -12.49 -23.97
CA ASP B 457 4.29 -12.39 -25.10
C ASP B 457 5.65 -12.98 -24.75
N SER B 458 5.99 -13.00 -23.46
CA SER B 458 7.35 -13.31 -23.04
C SER B 458 7.71 -14.77 -23.31
N PHE B 459 6.69 -15.63 -23.36
CA PHE B 459 6.95 -17.06 -23.32
C PHE B 459 7.68 -17.57 -24.56
N LYS B 460 7.30 -17.07 -25.74
CA LYS B 460 7.91 -17.50 -26.99
C LYS B 460 9.42 -17.23 -26.94
N TYR B 461 9.83 -16.26 -26.12
CA TYR B 461 11.24 -15.91 -26.00
C TYR B 461 11.94 -16.82 -25.01
N ILE B 462 11.26 -17.19 -23.93
CA ILE B 462 11.87 -18.01 -22.91
C ILE B 462 12.03 -19.44 -23.42
N GLU B 463 10.97 -19.94 -24.06
CA GLU B 463 10.85 -21.33 -24.47
C GLU B 463 10.23 -21.37 -25.86
N PRO B 464 11.04 -21.30 -26.95
CA PRO B 464 10.52 -21.14 -28.30
C PRO B 464 9.75 -22.35 -28.83
N ASP B 465 9.97 -23.52 -28.21
CA ASP B 465 9.46 -24.76 -28.77
C ASP B 465 8.23 -25.25 -27.99
N ALA B 466 8.03 -24.70 -26.79
CA ALA B 466 6.96 -25.18 -25.93
C ALA B 466 6.30 -24.01 -25.21
N SER B 467 6.21 -22.87 -25.90
CA SER B 467 5.79 -21.64 -25.24
C SER B 467 4.38 -21.76 -24.66
N GLU B 468 3.46 -22.38 -25.42
CA GLU B 468 2.08 -22.53 -24.98
C GLU B 468 2.04 -23.34 -23.68
N GLU B 469 2.84 -24.41 -23.63
CA GLU B 469 2.91 -25.32 -22.50
C GLU B 469 3.49 -24.61 -21.28
N LEU B 470 4.51 -23.77 -21.48
CA LEU B 470 5.13 -23.09 -20.36
C LEU B 470 4.20 -22.02 -19.83
N TYR B 471 3.50 -21.32 -20.73
CA TYR B 471 2.49 -20.33 -20.35
C TYR B 471 1.39 -20.99 -19.53
N THR B 472 0.98 -22.22 -19.90
CA THR B 472 -0.03 -22.93 -19.14
C THR B 472 0.46 -23.16 -17.72
N PHE B 473 1.72 -23.57 -17.58
CA PHE B 473 2.30 -23.78 -16.27
C PHE B 473 2.24 -22.49 -15.47
N ALA B 474 2.62 -21.38 -16.12
CA ALA B 474 2.81 -20.12 -15.43
C ALA B 474 1.46 -19.54 -14.99
N LYS B 475 0.38 -20.00 -15.61
CA LYS B 475 -0.94 -19.53 -15.21
C LYS B 475 -1.32 -20.09 -13.84
N HIS B 476 -0.72 -21.23 -13.47
CA HIS B 476 -1.13 -21.95 -12.28
C HIS B 476 0.00 -21.98 -11.24
N MET B 477 1.00 -21.10 -11.41
CA MET B 477 2.16 -21.06 -10.55
C MET B 477 2.61 -19.62 -10.40
N SER B 478 1.99 -18.89 -9.45
CA SER B 478 2.31 -17.47 -9.31
C SER B 478 1.99 -16.93 -7.91
N ASP B 479 1.14 -17.62 -7.13
CA ASP B 479 0.74 -17.11 -5.82
C ASP B 479 1.69 -17.62 -4.74
N PRO B 480 2.51 -16.72 -4.12
CA PRO B 480 3.43 -17.12 -3.07
C PRO B 480 2.78 -17.34 -1.71
N ALA B 481 1.48 -17.04 -1.60
CA ALA B 481 0.77 -17.23 -0.33
C ALA B 481 0.50 -18.71 -0.09
N PRO B 482 0.40 -19.20 1.18
CA PRO B 482 0.68 -18.38 2.37
C PRO B 482 2.16 -18.18 2.67
N ASN B 483 2.51 -16.99 3.15
CA ASN B 483 3.89 -16.64 3.48
C ASN B 483 3.84 -15.60 4.59
N TRP B 484 4.98 -15.42 5.26
CA TRP B 484 5.05 -14.68 6.51
C TRP B 484 4.80 -13.19 6.28
N HIS B 485 5.09 -12.70 5.07
CA HIS B 485 5.05 -11.28 4.75
C HIS B 485 3.70 -10.87 4.18
N GLY B 486 2.88 -11.84 3.79
CA GLY B 486 1.52 -11.56 3.33
C GLY B 486 1.46 -11.14 1.86
N LEU B 487 2.48 -11.53 1.07
CA LEU B 487 2.45 -11.30 -0.37
C LEU B 487 1.46 -12.26 -1.01
N SER B 488 0.57 -11.70 -1.84
CA SER B 488 -0.52 -12.45 -2.43
C SER B 488 -0.67 -12.00 -3.89
N LEU B 489 -0.57 -12.95 -4.83
CA LEU B 489 -0.62 -12.61 -6.25
C LEU B 489 -1.64 -13.50 -6.96
N GLU B 490 -2.14 -13.01 -8.11
CA GLU B 490 -3.09 -13.76 -8.93
C GLU B 490 -2.50 -15.10 -9.34
N GLU B 491 -3.38 -16.09 -9.46
CA GLU B 491 -3.03 -17.39 -9.99
C GLU B 491 -4.32 -18.03 -10.49
N SER B 492 -4.25 -18.70 -11.65
CA SER B 492 -5.39 -19.35 -12.27
C SER B 492 -6.51 -18.36 -12.57
N GLU B 493 -6.15 -17.12 -12.93
CA GLU B 493 -7.14 -16.06 -13.08
C GLU B 493 -8.15 -16.38 -14.18
N GLU B 494 -7.63 -16.84 -15.32
CA GLU B 494 -8.45 -17.11 -16.49
C GLU B 494 -9.44 -18.24 -16.19
N LEU B 495 -8.98 -19.25 -15.43
CA LEU B 495 -9.75 -20.46 -15.21
C LEU B 495 -10.74 -20.29 -14.04
N ARG B 496 -10.47 -19.32 -13.16
CA ARG B 496 -11.23 -19.15 -11.94
C ARG B 496 -12.74 -19.14 -12.21
N PRO B 497 -13.28 -18.31 -13.14
CA PRO B 497 -14.72 -18.25 -13.39
C PRO B 497 -15.33 -19.61 -13.74
N VAL B 498 -14.59 -20.42 -14.50
CA VAL B 498 -15.04 -21.73 -14.93
C VAL B 498 -15.20 -22.67 -13.73
N ILE B 499 -14.25 -22.57 -12.78
CA ILE B 499 -14.24 -23.38 -11.56
C ILE B 499 -15.43 -22.98 -10.68
N GLU B 500 -15.72 -21.68 -10.62
CA GLU B 500 -16.76 -21.19 -9.72
C GLU B 500 -18.13 -21.54 -10.29
N GLU B 501 -18.23 -21.61 -11.61
CA GLU B 501 -19.49 -21.92 -12.26
C GLU B 501 -19.84 -23.39 -12.02
N PHE B 502 -18.85 -24.29 -12.17
CA PHE B 502 -19.04 -25.71 -11.93
C PHE B 502 -19.36 -25.95 -10.46
N THR B 503 -18.69 -25.22 -9.56
CA THR B 503 -18.94 -25.36 -8.14
C THR B 503 -20.38 -24.92 -7.82
N ARG B 504 -20.81 -23.82 -8.43
CA ARG B 504 -22.14 -23.26 -8.22
C ARG B 504 -23.17 -24.32 -8.59
N ARG B 505 -23.08 -24.82 -9.83
CA ARG B 505 -24.03 -25.77 -10.37
C ARG B 505 -24.11 -27.00 -9.49
N LEU B 506 -22.95 -27.52 -9.08
CA LEU B 506 -22.87 -28.75 -8.30
C LEU B 506 -23.52 -28.55 -6.94
N TRP B 507 -23.23 -27.39 -6.31
CA TRP B 507 -23.66 -27.09 -4.95
C TRP B 507 -25.12 -26.67 -4.91
N GLU B 508 -25.62 -26.10 -6.02
CA GLU B 508 -27.01 -25.65 -6.07
C GLU B 508 -27.87 -26.67 -6.82
N LYS B 509 -27.41 -27.92 -6.85
CA LYS B 509 -28.21 -29.08 -7.25
C LYS B 509 -28.68 -28.98 -8.70
N GLU B 510 -27.92 -28.27 -9.55
CA GLU B 510 -28.22 -28.22 -10.98
C GLU B 510 -27.42 -29.29 -11.71
N SER B 511 -27.79 -29.54 -12.96
CA SER B 511 -27.12 -30.50 -13.84
C SER B 511 -25.71 -30.02 -14.17
N VAL B 512 -24.77 -30.96 -14.23
CA VAL B 512 -23.39 -30.64 -14.58
C VAL B 512 -23.02 -31.33 -15.89
N LEU B 513 -23.97 -32.07 -16.49
CA LEU B 513 -23.69 -32.87 -17.68
C LEU B 513 -23.16 -32.00 -18.82
N ASP B 514 -23.84 -30.87 -19.10
CA ASP B 514 -23.47 -30.01 -20.21
C ASP B 514 -22.15 -29.31 -19.89
N TYR B 515 -22.06 -28.78 -18.66
CA TYR B 515 -20.97 -27.89 -18.29
C TYR B 515 -19.67 -28.65 -18.06
N SER B 516 -19.78 -29.92 -17.66
CA SER B 516 -18.61 -30.76 -17.47
C SER B 516 -17.73 -30.76 -18.71
N LYS B 517 -18.34 -30.72 -19.90
CA LYS B 517 -17.57 -30.72 -21.15
C LYS B 517 -16.66 -29.50 -21.22
N VAL B 518 -17.13 -28.37 -20.67
CA VAL B 518 -16.42 -27.10 -20.77
C VAL B 518 -15.18 -27.14 -19.88
N ILE B 519 -15.36 -27.57 -18.63
CA ILE B 519 -14.31 -27.54 -17.63
C ILE B 519 -13.34 -28.70 -17.84
N LEU B 520 -13.84 -29.83 -18.36
CA LEU B 520 -12.97 -30.96 -18.69
C LEU B 520 -11.98 -30.57 -19.78
N ASP B 521 -12.42 -29.76 -20.74
CA ASP B 521 -11.56 -29.32 -21.82
C ASP B 521 -10.43 -28.47 -21.27
N GLU B 522 -10.76 -27.62 -20.29
CA GLU B 522 -9.77 -26.75 -19.66
C GLU B 522 -8.71 -27.62 -18.99
N TYR B 523 -9.15 -28.62 -18.21
CA TYR B 523 -8.20 -29.41 -17.45
C TYR B 523 -7.40 -30.32 -18.37
N GLN B 524 -8.04 -30.75 -19.47
CA GLN B 524 -7.35 -31.59 -20.45
C GLN B 524 -6.18 -30.81 -21.05
N GLU B 525 -6.38 -29.50 -21.23
CA GLU B 525 -5.34 -28.62 -21.74
C GLU B 525 -4.16 -28.59 -20.76
N ILE B 526 -4.47 -28.49 -19.46
CA ILE B 526 -3.44 -28.47 -18.44
C ILE B 526 -2.71 -29.81 -18.46
N LEU B 527 -3.48 -30.90 -18.60
CA LEU B 527 -2.90 -32.23 -18.57
C LEU B 527 -2.01 -32.47 -19.80
N ASP B 528 -2.44 -32.00 -20.97
CA ASP B 528 -1.66 -32.16 -22.19
C ASP B 528 -0.32 -31.44 -22.05
N ALA B 529 -0.36 -30.21 -21.53
CA ALA B 529 0.84 -29.40 -21.38
C ALA B 529 1.89 -30.13 -20.53
N THR B 530 1.43 -30.78 -19.44
CA THR B 530 2.35 -31.45 -18.55
C THR B 530 2.94 -32.69 -19.25
N ASN B 531 2.20 -33.24 -20.22
CA ASN B 531 2.60 -34.46 -20.89
C ASN B 531 3.47 -34.17 -22.11
N ASN B 532 3.34 -32.97 -22.69
CA ASN B 532 3.98 -32.68 -23.97
C ASN B 532 5.29 -31.91 -23.78
N PHE B 533 5.47 -31.32 -22.59
CA PHE B 533 6.52 -30.33 -22.37
C PHE B 533 7.91 -30.91 -22.61
N ALA B 534 8.19 -32.06 -21.98
CA ALA B 534 9.52 -32.67 -22.03
C ALA B 534 9.93 -32.98 -23.47
N THR B 535 8.95 -33.41 -24.28
CA THR B 535 9.20 -33.74 -25.70
C THR B 535 9.45 -32.47 -26.50
N LYS B 536 8.69 -31.41 -26.23
CA LYS B 536 8.70 -30.23 -27.08
C LYS B 536 9.91 -29.35 -26.77
N SER B 537 10.27 -29.22 -25.49
CA SER B 537 11.32 -28.31 -25.07
C SER B 537 12.70 -28.92 -25.37
N LYS B 538 13.64 -28.07 -25.81
CA LYS B 538 15.00 -28.53 -26.03
C LYS B 538 15.95 -27.88 -25.03
N ASN B 539 15.41 -27.49 -23.87
CA ASN B 539 16.18 -26.80 -22.83
C ASN B 539 16.24 -27.68 -21.58
N GLU B 540 17.37 -28.37 -21.40
CA GLU B 540 17.52 -29.38 -20.36
C GLU B 540 17.53 -28.77 -18.96
N LEU B 541 18.12 -27.57 -18.84
CA LEU B 541 18.23 -26.89 -17.55
C LEU B 541 16.84 -26.50 -17.04
N LEU B 542 15.99 -25.98 -17.93
CA LEU B 542 14.61 -25.62 -17.59
C LEU B 542 13.83 -26.87 -17.20
N LYS B 543 14.01 -27.95 -17.97
CA LYS B 543 13.25 -29.16 -17.82
C LYS B 543 13.49 -29.81 -16.45
N SER B 544 14.77 -29.93 -16.04
CA SER B 544 15.09 -30.65 -14.82
C SER B 544 14.78 -29.81 -13.59
N GLU B 545 14.84 -28.49 -13.77
CA GLU B 545 14.56 -27.49 -12.76
C GLU B 545 13.09 -27.55 -12.34
N ILE B 546 12.16 -27.50 -13.32
CA ILE B 546 10.76 -27.30 -13.01
C ILE B 546 9.99 -28.63 -12.97
N LYS B 547 10.68 -29.75 -13.21
CA LYS B 547 10.04 -31.05 -13.37
C LYS B 547 9.10 -31.38 -12.21
N GLY B 548 9.56 -31.13 -10.99
CA GLY B 548 8.80 -31.38 -9.78
C GLY B 548 7.45 -30.67 -9.79
N TRP B 549 7.44 -29.41 -10.27
CA TRP B 549 6.22 -28.62 -10.27
C TRP B 549 5.28 -29.12 -11.36
N VAL B 550 5.86 -29.58 -12.48
CA VAL B 550 5.07 -30.12 -13.58
C VAL B 550 4.44 -31.44 -13.16
N ASP B 551 5.20 -32.25 -12.40
CA ASP B 551 4.73 -33.53 -11.89
C ASP B 551 3.54 -33.31 -10.95
N SER B 552 3.63 -32.29 -10.11
CA SER B 552 2.55 -32.00 -9.18
C SER B 552 1.31 -31.54 -9.94
N LEU B 553 1.50 -30.64 -10.93
CA LEU B 553 0.38 -30.07 -11.64
C LEU B 553 -0.35 -31.17 -12.42
N ARG B 554 0.42 -32.15 -12.93
CA ARG B 554 -0.14 -33.26 -13.68
C ARG B 554 -1.12 -34.02 -12.80
N ASP B 555 -0.69 -34.28 -11.56
CA ASP B 555 -1.49 -35.03 -10.60
C ASP B 555 -2.72 -34.23 -10.20
N LEU B 556 -2.59 -32.90 -10.06
CA LEU B 556 -3.73 -32.04 -9.77
C LEU B 556 -4.75 -32.15 -10.90
N ALA B 557 -4.26 -32.11 -12.15
CA ALA B 557 -5.13 -32.15 -13.31
C ALA B 557 -5.83 -33.51 -13.36
N GLU B 558 -5.09 -34.58 -13.11
CA GLU B 558 -5.66 -35.92 -13.15
C GLU B 558 -6.69 -36.05 -12.03
N SER B 559 -6.42 -35.42 -10.90
CA SER B 559 -7.31 -35.48 -9.75
C SER B 559 -8.65 -34.83 -10.08
N THR B 560 -8.60 -33.64 -10.68
CA THR B 560 -9.80 -32.85 -10.93
C THR B 560 -10.66 -33.54 -11.98
N ILE B 561 -10.01 -34.07 -13.02
CA ILE B 561 -10.70 -34.81 -14.07
C ILE B 561 -11.45 -35.98 -13.43
N ALA B 562 -10.81 -36.63 -12.44
CA ALA B 562 -11.43 -37.79 -11.81
C ALA B 562 -12.69 -37.37 -11.04
N TYR B 563 -12.59 -36.30 -10.25
CA TYR B 563 -13.70 -35.87 -9.41
C TYR B 563 -14.88 -35.41 -10.27
N ILE B 564 -14.58 -34.71 -11.38
CA ILE B 564 -15.62 -34.20 -12.25
C ILE B 564 -16.38 -35.39 -12.85
N ASN B 565 -15.62 -36.37 -13.38
CA ASN B 565 -16.20 -37.59 -13.91
C ASN B 565 -17.05 -38.25 -12.85
N SER B 566 -16.58 -38.23 -11.60
CA SER B 566 -17.33 -38.78 -10.49
C SER B 566 -18.67 -38.08 -10.37
N ALA B 567 -18.66 -36.75 -10.36
CA ALA B 567 -19.87 -35.96 -10.23
C ALA B 567 -20.82 -36.29 -11.37
N VAL B 568 -20.26 -36.46 -12.58
CA VAL B 568 -21.01 -36.71 -13.79
C VAL B 568 -21.61 -38.11 -13.74
N ALA B 569 -20.79 -39.11 -13.41
CA ALA B 569 -21.25 -40.48 -13.34
C ALA B 569 -22.34 -40.61 -12.28
N PHE B 570 -22.25 -39.77 -11.24
CA PHE B 570 -23.22 -39.79 -10.15
C PHE B 570 -24.58 -39.27 -10.62
N GLU B 571 -24.55 -38.23 -11.47
CA GLU B 571 -25.77 -37.65 -11.97
C GLU B 571 -26.44 -38.59 -12.98
N LYS B 572 -25.62 -39.42 -13.65
CA LYS B 572 -26.12 -40.36 -14.65
C LYS B 572 -26.65 -41.63 -13.99
N GLY B 573 -26.40 -41.78 -12.68
CA GLY B 573 -26.86 -42.93 -11.92
C GLY B 573 -25.90 -44.12 -11.98
N ASN B 574 -24.66 -43.90 -12.46
CA ASN B 574 -23.65 -44.95 -12.52
C ASN B 574 -22.86 -44.95 -11.20
N TYR B 575 -23.44 -45.53 -10.15
CA TYR B 575 -22.95 -45.32 -8.79
C TYR B 575 -21.59 -45.96 -8.58
N GLU B 576 -21.40 -47.17 -9.12
CA GLU B 576 -20.15 -47.89 -8.98
C GLU B 576 -19.02 -47.09 -9.60
N GLU B 577 -19.25 -46.56 -10.80
CA GLU B 577 -18.22 -45.82 -11.51
C GLU B 577 -17.95 -44.48 -10.83
N ALA B 578 -19.00 -43.85 -10.31
CA ALA B 578 -18.88 -42.57 -9.63
C ALA B 578 -17.91 -42.71 -8.45
N MET B 579 -17.99 -43.87 -7.79
CA MET B 579 -17.16 -44.18 -6.63
C MET B 579 -15.74 -44.54 -7.08
N LYS B 580 -15.63 -45.23 -8.23
CA LYS B 580 -14.32 -45.56 -8.76
C LYS B 580 -13.55 -44.28 -9.09
N TYR B 581 -14.22 -43.29 -9.71
CA TYR B 581 -13.59 -42.05 -10.11
C TYR B 581 -13.24 -41.21 -8.87
N TYR B 582 -14.09 -41.27 -7.85
CA TYR B 582 -13.88 -40.50 -6.64
C TYR B 582 -12.58 -40.96 -5.96
N VAL B 583 -12.41 -42.28 -5.86
CA VAL B 583 -11.25 -42.88 -5.24
C VAL B 583 -9.99 -42.48 -6.01
N LEU B 584 -10.10 -42.49 -7.35
CA LEU B 584 -8.98 -42.08 -8.19
C LEU B 584 -8.66 -40.62 -7.91
N GLY B 585 -9.70 -39.80 -7.74
CA GLY B 585 -9.53 -38.41 -7.35
C GLY B 585 -8.71 -38.28 -6.07
N GLU B 586 -9.07 -39.08 -5.06
CA GLU B 586 -8.41 -39.09 -3.76
C GLU B 586 -6.93 -39.43 -3.93
N GLU B 587 -6.64 -40.46 -4.72
CA GLU B 587 -5.28 -40.97 -4.90
C GLU B 587 -4.44 -39.97 -5.70
N GLU B 588 -5.04 -39.33 -6.70
CA GLU B 588 -4.29 -38.41 -7.56
C GLU B 588 -3.94 -37.14 -6.81
N TYR B 589 -4.75 -36.76 -5.82
CA TYR B 589 -4.39 -35.61 -5.00
C TYR B 589 -3.22 -35.96 -4.07
N THR B 590 -3.27 -37.13 -3.43
CA THR B 590 -2.15 -37.58 -2.62
C THR B 590 -0.87 -37.60 -3.45
N ALA B 591 -0.98 -38.06 -4.69
CA ALA B 591 0.15 -38.16 -5.59
C ALA B 591 0.78 -36.79 -5.85
N SER B 592 -0.06 -35.75 -5.89
CA SER B 592 0.42 -34.41 -6.21
C SER B 592 1.32 -33.87 -5.10
N ARG B 593 1.24 -34.51 -3.92
CA ARG B 593 1.97 -34.05 -2.75
C ARG B 593 3.23 -34.90 -2.51
N SER B 594 3.59 -35.75 -3.47
CA SER B 594 4.58 -36.78 -3.23
C SER B 594 5.94 -36.46 -3.87
N HIS B 595 6.07 -35.28 -4.49
CA HIS B 595 7.29 -34.95 -5.22
C HIS B 595 8.22 -34.11 -4.36
N ARG B 596 9.51 -34.11 -4.72
CA ARG B 596 10.52 -33.43 -3.91
C ARG B 596 11.45 -32.65 -4.82
N THR B 597 12.00 -31.56 -4.27
CA THR B 597 12.95 -30.71 -4.98
C THR B 597 13.99 -30.22 -3.99
N PRO B 598 15.23 -29.89 -4.46
CA PRO B 598 16.32 -29.54 -3.55
C PRO B 598 16.16 -28.13 -2.96
N VAL B 599 16.34 -28.03 -1.64
CA VAL B 599 16.57 -26.75 -0.99
C VAL B 599 17.87 -26.85 -0.21
N ILE B 600 18.38 -25.70 0.24
CA ILE B 600 19.54 -25.69 1.12
C ILE B 600 19.19 -26.49 2.38
N ASN B 601 20.00 -27.51 2.65
CA ASN B 601 19.84 -28.32 3.86
C ASN B 601 18.59 -29.19 3.78
N GLY B 602 18.27 -29.73 2.60
CA GLY B 602 17.29 -30.80 2.53
C GLY B 602 16.37 -30.74 1.31
N GLN B 603 15.08 -31.05 1.54
CA GLN B 603 14.11 -31.22 0.47
C GLN B 603 12.85 -30.40 0.74
N SER B 604 12.16 -30.04 -0.35
CA SER B 604 10.91 -29.30 -0.31
C SER B 604 9.88 -30.00 -1.20
N ARG B 605 8.62 -29.91 -0.80
CA ARG B 605 7.51 -30.46 -1.57
C ARG B 605 7.00 -29.37 -2.50
N PRO B 606 7.18 -29.48 -3.85
CA PRO B 606 6.60 -28.50 -4.76
C PRO B 606 5.08 -28.56 -4.65
N GLU B 607 4.44 -27.39 -4.74
CA GLU B 607 3.00 -27.27 -4.56
C GLU B 607 2.47 -26.11 -5.41
N PRO B 608 2.34 -26.29 -6.74
CA PRO B 608 1.65 -25.30 -7.58
C PRO B 608 0.14 -25.39 -7.41
N GLY B 609 -0.58 -24.41 -7.96
CA GLY B 609 -2.04 -24.45 -8.05
C GLY B 609 -2.72 -24.30 -6.69
N THR B 610 -2.20 -23.42 -5.83
CA THR B 610 -2.68 -23.32 -4.47
C THR B 610 -3.82 -22.31 -4.34
N ARG B 611 -3.89 -21.34 -5.26
CA ARG B 611 -4.89 -20.29 -5.13
C ARG B 611 -6.29 -20.79 -5.46
N HIS B 612 -6.42 -21.65 -6.49
CA HIS B 612 -7.73 -22.10 -6.91
C HIS B 612 -7.79 -23.60 -7.19
N LEU B 613 -6.72 -24.20 -7.71
CA LEU B 613 -6.83 -25.57 -8.19
C LEU B 613 -7.09 -26.51 -7.02
N ILE B 614 -6.22 -26.43 -6.00
CA ILE B 614 -6.30 -27.31 -4.85
C ILE B 614 -7.59 -27.03 -4.08
N PRO B 615 -7.97 -25.76 -3.81
CA PRO B 615 -9.27 -25.48 -3.19
C PRO B 615 -10.46 -26.11 -3.90
N PHE B 616 -10.39 -26.14 -5.24
CA PHE B 616 -11.45 -26.74 -6.04
C PHE B 616 -11.52 -28.24 -5.79
N ILE B 617 -10.35 -28.89 -5.74
CA ILE B 617 -10.25 -30.31 -5.45
C ILE B 617 -10.87 -30.60 -4.09
N LYS B 618 -10.54 -29.76 -3.10
CA LYS B 618 -11.07 -29.95 -1.76
C LYS B 618 -12.59 -29.78 -1.75
N ASP B 619 -13.10 -28.90 -2.61
CA ASP B 619 -14.53 -28.66 -2.73
C ASP B 619 -15.19 -29.88 -3.36
N LEU B 620 -14.66 -30.31 -4.51
CA LEU B 620 -15.15 -31.50 -5.18
C LEU B 620 -15.20 -32.66 -4.19
N SER B 621 -14.13 -32.84 -3.40
CA SER B 621 -14.02 -33.89 -2.41
C SER B 621 -15.12 -33.80 -1.34
N LYS B 622 -15.34 -32.61 -0.75
CA LYS B 622 -16.31 -32.45 0.31
C LYS B 622 -17.74 -32.64 -0.22
N ILE B 623 -18.03 -32.04 -1.38
CA ILE B 623 -19.40 -31.97 -1.87
C ILE B 623 -19.84 -33.33 -2.41
N ILE B 624 -19.00 -33.95 -3.25
CA ILE B 624 -19.36 -35.21 -3.88
C ILE B 624 -19.40 -36.30 -2.82
N GLY B 625 -18.63 -36.12 -1.73
CA GLY B 625 -18.52 -37.11 -0.67
C GLY B 625 -19.65 -37.05 0.36
N ASP B 626 -20.48 -36.00 0.31
CA ASP B 626 -21.54 -35.83 1.30
C ASP B 626 -22.90 -36.26 0.74
N ASN B 627 -22.89 -36.81 -0.49
CA ASN B 627 -24.07 -37.36 -1.13
C ASN B 627 -24.48 -38.66 -0.42
C1 EDO C . 19.17 22.73 18.32
O1 EDO C . 20.28 21.95 18.71
C2 EDO C . 19.03 23.98 19.11
O2 EDO C . 19.38 23.80 20.46
C1 EDO D . -3.12 0.11 18.08
O1 EDO D . -3.67 0.09 19.39
C2 EDO D . -1.92 -0.76 17.94
O2 EDO D . -0.81 -0.31 18.69
C1 EDO E . -10.72 27.09 10.07
O1 EDO E . -10.85 28.40 9.53
C2 EDO E . -10.69 27.08 11.54
O2 EDO E . -11.76 27.80 12.08
C1 EDO F . -4.89 11.24 29.22
O1 EDO F . -5.40 10.92 30.49
C2 EDO F . -5.51 12.46 28.64
O2 EDO F . -6.49 13.05 29.47
C1 EDO G . 18.76 39.06 23.46
O1 EDO G . 17.59 38.33 23.73
C2 EDO G . 18.84 39.53 22.06
O2 EDO G . 19.21 40.90 21.93
C1 EDO H . -7.51 -5.62 16.85
O1 EDO H . -7.53 -5.76 18.27
C2 EDO H . -7.38 -4.21 16.37
O2 EDO H . -6.17 -3.51 16.72
C1 EDO I . -30.05 -0.78 7.05
O1 EDO I . -30.47 -0.49 5.73
C2 EDO I . -30.00 0.46 7.86
O2 EDO I . -30.78 1.49 7.27
C1 EDO J . 16.49 -6.87 1.18
O1 EDO J . 15.99 -8.14 0.78
C2 EDO J . 17.90 -6.53 0.82
O2 EDO J . 18.87 -7.11 1.67
C1 EDO K . 13.11 -11.82 1.43
O1 EDO K . 13.10 -13.00 2.20
C2 EDO K . 13.66 -12.04 0.08
O2 EDO K . 15.07 -12.23 0.06
C1 EDO L . 6.39 -30.55 3.91
O1 EDO L . 5.12 -31.17 3.74
C2 EDO L . 6.26 -29.17 4.41
O2 EDO L . 4.92 -28.70 4.37
C1 EDO M . 18.29 -20.48 3.51
O1 EDO M . 17.51 -20.51 4.70
C2 EDO M . 19.57 -19.73 3.63
O2 EDO M . 20.17 -19.83 4.90
C1 EDO N . 45.25 -18.92 -4.73
O1 EDO N . 45.29 -20.22 -5.29
C2 EDO N . 46.58 -18.28 -4.66
O2 EDO N . 47.41 -18.74 -5.71
C1 EDO O . 23.96 7.54 -18.84
O1 EDO O . 22.98 7.05 -19.74
C2 EDO O . 23.70 8.97 -18.52
O2 EDO O . 22.46 9.40 -19.06
#